data_7VC6
#
_entry.id   7VC6
#
_cell.length_a   79.667
_cell.length_b   91.292
_cell.length_c   107.082
_cell.angle_alpha   90.00
_cell.angle_beta   90.00
_cell.angle_gamma   90.00
#
_symmetry.space_group_name_H-M   'P 21 21 21'
#
loop_
_entity.id
_entity.type
_entity.pdbx_description
1 polymer 'xylan 1,4-beta-xylosidase'
2 non-polymer 2-acetamido-2-deoxy-beta-D-glucopyranose
3 non-polymer GLYCEROL
4 water water
#
_entity_poly.entity_id   1
_entity_poly.type   'polypeptide(L)'
_entity_poly.pdbx_seq_one_letter_code
;AFPDCANGPLKSNLVCNASADPVSRAKALVDALTLEELVNNTVNASPGVPRVGLPPYNWWSEALHGVARSPGANFSTVPG
SPFSSATSFPQPIILGATFDDDLIHSIATVISTEARAFNNAGRAGLDFFTPNINPFKDPRWGRGQETPGEDPYHIAQYVY
QLITGLQGGLSPDPYYKVVADCKHFAGYDLEDWHGNNRMAFNAVISTQDLAEFYTPSFQSCVRDAHVGSVMCSYNAVNGV
PSCASPYLLQDLIRDHFGLGDGWITSDCDAVDNVFDPHNYTSTLVNASAVSLKAGTDVDCGTTYSQTLVDAVNQKLVTED
DVKTSMVRLYSSLVRLGYFDSPENQPWRQLGWADVNTPSAQALALTAAEEGVVLLKNDGTLPLSRRIKHIAVVGPWANAT
TQMQGNYQGIAPFLISPLQALQDAGFHVSFANGTAINSTDTSGFASALMAAKAADAIVFAGGIDETIESEGHDRDSIEWP
GNQLDLIEQLAALRKPLIVLQMGGGQVDSSSLKASKAVNALLWGGYPGQSGGTAIVNILTGKTAPSGRLPITQYPAAYVD
AIPMTDMALRPSSSSPGRTYKWYTGTPVFDFGFGLHYTSFKLSWAASPPSRFDISSLVAGAKHAGVAFTDLAPLFTFHVA
VKNSGKVTSDYVALLFAHTTVGPSPAPQQELVAYTRVKGITPGRTATAALSVTLGSIARVDESGVRSLYPGKYSVWVDTT
REIMHTFELTGKTTQILGWPQPR
;
_entity_poly.pdbx_strand_id   A
#
# COMPACT_ATOMS: atom_id res chain seq x y z
N ALA A 1 -8.40 28.22 6.42
CA ALA A 1 -7.98 29.54 5.98
C ALA A 1 -6.49 29.56 5.62
N PHE A 2 -6.11 30.48 4.74
CA PHE A 2 -4.74 30.75 4.39
C PHE A 2 -4.32 32.11 4.94
N PRO A 3 -3.04 32.27 5.31
CA PRO A 3 -2.57 33.59 5.74
C PRO A 3 -2.73 34.61 4.62
N ASP A 4 -3.01 35.86 5.00
CA ASP A 4 -3.11 36.95 4.05
C ASP A 4 -1.73 37.57 3.89
N CYS A 5 -1.07 37.27 2.77
CA CYS A 5 0.26 37.78 2.50
C CYS A 5 0.25 39.07 1.70
N ALA A 6 -0.92 39.56 1.31
CA ALA A 6 -1.03 40.89 0.72
C ALA A 6 -1.26 41.96 1.78
N ASN A 7 -2.05 41.64 2.81
CA ASN A 7 -2.45 42.65 3.78
C ASN A 7 -2.41 42.20 5.24
N GLY A 8 -2.23 40.91 5.53
CA GLY A 8 -2.24 40.44 6.88
C GLY A 8 -1.00 40.89 7.65
N PRO A 9 -0.95 40.51 8.93
CA PRO A 9 0.16 40.96 9.79
C PRO A 9 1.53 40.43 9.38
N LEU A 10 1.61 39.51 8.41
CA LEU A 10 2.87 38.92 8.00
C LEU A 10 3.34 39.40 6.62
N LYS A 11 2.66 40.41 6.05
CA LYS A 11 2.90 40.78 4.66
C LYS A 11 4.32 41.28 4.42
N SER A 12 5.06 41.65 5.47
CA SER A 12 6.44 42.07 5.31
C SER A 12 7.44 41.06 5.87
N ASN A 13 6.97 40.03 6.56
CA ASN A 13 7.83 38.89 6.86
C ASN A 13 8.27 38.23 5.56
N LEU A 14 9.51 37.76 5.53
CA LEU A 14 10.02 37.14 4.31
C LEU A 14 9.22 35.90 3.92
N VAL A 15 8.46 35.33 4.85
CA VAL A 15 7.62 34.18 4.52
C VAL A 15 6.58 34.56 3.48
N CYS A 16 6.10 35.81 3.50
CA CYS A 16 5.13 36.29 2.55
C CYS A 16 5.77 36.79 1.25
N ASN A 17 7.09 36.76 1.16
CA ASN A 17 7.81 37.14 -0.06
C ASN A 17 7.86 35.91 -0.96
N ALA A 18 7.13 35.96 -2.07
CA ALA A 18 6.95 34.77 -2.90
C ALA A 18 8.20 34.35 -3.65
N SER A 19 9.15 35.26 -3.85
CA SER A 19 10.34 34.95 -4.64
C SER A 19 11.50 34.48 -3.78
N ALA A 20 11.32 34.35 -2.47
CA ALA A 20 12.41 34.00 -1.57
C ALA A 20 12.55 32.49 -1.42
N ASP A 21 13.74 32.09 -0.97
CA ASP A 21 14.04 30.70 -0.68
C ASP A 21 13.02 30.13 0.30
N PRO A 22 12.45 28.94 0.04
CA PRO A 22 11.47 28.38 0.98
C PRO A 22 11.98 28.24 2.41
N VAL A 23 13.19 27.71 2.59
CA VAL A 23 13.73 27.55 3.94
C VAL A 23 13.95 28.91 4.59
N SER A 24 14.34 29.91 3.79
CA SER A 24 14.50 31.26 4.33
C SER A 24 13.16 31.83 4.77
N ARG A 25 12.11 31.61 3.98
CA ARG A 25 10.77 32.06 4.38
C ARG A 25 10.32 31.39 5.67
N ALA A 26 10.57 30.08 5.79
CA ALA A 26 10.21 29.37 7.01
C ALA A 26 10.99 29.90 8.21
N LYS A 27 12.30 30.15 8.03
CA LYS A 27 13.10 30.69 9.11
C LYS A 27 12.65 32.09 9.50
N ALA A 28 12.18 32.88 8.54
CA ALA A 28 11.69 34.22 8.85
C ALA A 28 10.38 34.15 9.63
N LEU A 29 9.49 33.21 9.27
CA LEU A 29 8.27 33.04 10.05
C LEU A 29 8.57 32.56 11.46
N VAL A 30 9.50 31.60 11.58
CA VAL A 30 9.80 31.02 12.89
C VAL A 30 10.50 32.04 13.79
N ASP A 31 11.44 32.81 13.22
CA ASP A 31 12.18 33.78 14.02
C ASP A 31 11.30 34.90 14.55
N ALA A 32 10.17 35.17 13.90
CA ALA A 32 9.24 36.20 14.34
C ALA A 32 8.25 35.70 15.39
N LEU A 33 8.45 34.49 15.91
CA LEU A 33 7.49 33.87 16.80
C LEU A 33 8.12 33.53 18.14
N THR A 34 7.28 33.54 19.17
CA THR A 34 7.69 33.18 20.52
C THR A 34 7.94 31.67 20.61
N LEU A 35 8.92 31.29 21.43
CA LEU A 35 9.17 29.88 21.69
C LEU A 35 7.90 29.17 22.12
N GLU A 36 7.10 29.82 22.97
CA GLU A 36 5.86 29.22 23.43
C GLU A 36 4.86 29.04 22.30
N GLU A 37 4.79 30.01 21.39
CA GLU A 37 3.93 29.85 20.20
C GLU A 37 4.41 28.70 19.32
N LEU A 38 5.72 28.63 19.07
CA LEU A 38 6.29 27.55 18.28
C LEU A 38 5.95 26.20 18.90
N VAL A 39 6.11 26.07 20.21
CA VAL A 39 5.75 24.83 20.90
C VAL A 39 4.27 24.54 20.73
N ASN A 40 3.45 25.59 20.78
CA ASN A 40 2.03 25.43 20.54
C ASN A 40 1.75 24.79 19.19
N ASN A 41 2.58 25.07 18.18
CA ASN A 41 2.34 24.54 16.85
C ASN A 41 3.20 23.32 16.52
N THR A 42 3.64 22.57 17.53
CA THR A 42 4.37 21.32 17.31
C THR A 42 3.45 20.11 17.23
N VAL A 43 2.14 20.31 17.08
CA VAL A 43 1.17 19.23 17.10
C VAL A 43 0.35 19.29 15.82
N ASN A 44 -0.33 18.17 15.53
CA ASN A 44 -1.09 18.09 14.28
C ASN A 44 -2.25 19.07 14.26
N ALA A 45 -2.97 19.21 15.37
CA ALA A 45 -4.06 20.18 15.47
C ALA A 45 -3.50 21.52 15.95
N SER A 46 -2.72 22.13 15.06
CA SER A 46 -2.02 23.36 15.38
C SER A 46 -2.99 24.54 15.37
N PRO A 47 -2.93 25.42 16.38
CA PRO A 47 -3.81 26.59 16.39
C PRO A 47 -3.35 27.72 15.47
N GLY A 48 -2.13 27.66 14.95
CA GLY A 48 -1.59 28.83 14.31
C GLY A 48 -1.22 29.86 15.36
N VAL A 49 -1.00 31.08 14.89
CA VAL A 49 -0.74 32.20 15.80
C VAL A 49 -1.65 33.36 15.39
N PRO A 50 -2.76 33.57 16.10
CA PRO A 50 -3.65 34.70 15.74
C PRO A 50 -2.96 36.05 15.78
N ARG A 51 -1.91 36.21 16.59
CA ARG A 51 -1.25 37.50 16.71
C ARG A 51 -0.64 37.95 15.39
N VAL A 52 -0.13 37.01 14.60
CA VAL A 52 0.50 37.31 13.32
C VAL A 52 -0.39 36.90 12.15
N GLY A 53 -1.67 36.65 12.41
CA GLY A 53 -2.57 36.25 11.33
C GLY A 53 -2.28 34.89 10.75
N LEU A 54 -1.69 33.99 11.54
CA LEU A 54 -1.41 32.63 11.08
C LEU A 54 -2.57 31.73 11.48
N PRO A 55 -3.35 31.22 10.54
CA PRO A 55 -4.58 30.50 10.89
C PRO A 55 -4.28 29.12 11.43
N PRO A 56 -5.28 28.41 11.95
CA PRO A 56 -5.06 27.02 12.38
C PRO A 56 -4.88 26.10 11.19
N TYR A 57 -4.07 25.06 11.40
CA TYR A 57 -3.82 24.05 10.38
C TYR A 57 -3.75 22.68 11.03
N ASN A 58 -4.58 21.76 10.56
CA ASN A 58 -4.55 20.38 11.03
C ASN A 58 -3.73 19.53 10.07
N TRP A 59 -2.71 18.84 10.62
CA TRP A 59 -1.84 18.00 9.81
C TRP A 59 -2.42 16.61 9.57
N TRP A 60 -3.45 16.22 10.30
CA TRP A 60 -3.96 14.85 10.23
C TRP A 60 -5.10 14.80 9.21
N SER A 61 -4.76 14.43 7.98
CA SER A 61 -5.74 14.12 6.94
C SER A 61 -5.42 12.75 6.36
N GLU A 62 -6.45 12.08 5.86
CA GLU A 62 -6.31 10.73 5.32
C GLU A 62 -6.78 10.69 3.87
N ALA A 63 -6.07 9.91 3.06
CA ALA A 63 -6.41 9.74 1.65
C ALA A 63 -5.80 8.45 1.11
N LEU A 64 -5.96 7.36 1.85
CA LEU A 64 -5.23 6.13 1.52
C LEU A 64 -5.59 5.61 0.14
N HIS A 65 -6.87 5.60 -0.20
CA HIS A 65 -7.32 5.20 -1.53
C HIS A 65 -8.46 6.10 -1.98
N GLY A 66 -8.23 7.41 -1.89
CA GLY A 66 -9.25 8.41 -2.12
C GLY A 66 -9.41 9.27 -0.89
N VAL A 67 -9.92 10.50 -1.05
CA VAL A 67 -10.11 11.38 0.08
C VAL A 67 -10.95 10.68 1.14
N ALA A 68 -10.43 10.64 2.36
CA ALA A 68 -11.01 9.82 3.42
C ALA A 68 -11.39 10.66 4.62
N ARG A 69 -12.28 10.11 5.45
CA ARG A 69 -12.61 10.73 6.73
C ARG A 69 -11.35 10.83 7.58
N SER A 70 -11.25 11.94 8.31
CA SER A 70 -10.11 12.21 9.18
C SER A 70 -10.40 13.42 10.05
N PRO A 71 -9.61 13.67 11.09
CA PRO A 71 -9.78 14.93 11.84
C PRO A 71 -9.70 16.17 10.96
N GLY A 72 -8.85 16.16 9.93
CA GLY A 72 -8.69 17.28 9.04
C GLY A 72 -9.60 17.27 7.82
N ALA A 73 -10.48 16.29 7.69
CA ALA A 73 -11.37 16.19 6.54
C ALA A 73 -12.82 16.44 6.97
N ASN A 74 -13.59 17.02 6.06
CA ASN A 74 -14.97 17.45 6.31
C ASN A 74 -15.80 17.09 5.09
N PHE A 75 -16.57 16.02 5.18
CA PHE A 75 -17.53 15.71 4.13
C PHE A 75 -18.83 16.45 4.40
N SER A 76 -19.45 16.95 3.32
CA SER A 76 -20.71 17.66 3.45
C SER A 76 -21.80 16.70 3.93
N THR A 77 -22.73 17.24 4.71
CA THR A 77 -23.78 16.44 5.33
C THR A 77 -25.08 16.41 4.54
N VAL A 78 -25.17 17.17 3.44
CA VAL A 78 -26.29 17.07 2.52
C VAL A 78 -25.90 16.10 1.41
N PRO A 79 -26.59 14.96 1.26
CA PRO A 79 -26.02 13.84 0.50
C PRO A 79 -25.70 14.12 -0.96
N GLY A 80 -26.38 15.05 -1.62
CA GLY A 80 -26.10 15.33 -3.01
C GLY A 80 -25.26 16.55 -3.27
N SER A 81 -24.80 17.24 -2.24
CA SER A 81 -24.24 18.57 -2.35
C SER A 81 -22.75 18.51 -2.65
N PRO A 82 -22.14 19.67 -2.95
CA PRO A 82 -20.68 19.71 -3.11
C PRO A 82 -19.93 19.11 -1.92
N PHE A 83 -18.93 18.29 -2.25
CA PHE A 83 -18.02 17.70 -1.27
C PHE A 83 -18.76 16.79 -0.29
N SER A 84 -19.81 16.15 -0.78
CA SER A 84 -20.51 15.08 -0.09
C SER A 84 -19.95 13.71 -0.43
N SER A 85 -19.04 13.62 -1.39
CA SER A 85 -18.44 12.34 -1.77
C SER A 85 -17.11 12.60 -2.45
N ALA A 86 -16.35 11.51 -2.63
CA ALA A 86 -15.09 11.54 -3.34
C ALA A 86 -14.83 10.15 -3.89
N THR A 87 -14.00 10.07 -4.92
CA THR A 87 -13.71 8.79 -5.54
C THR A 87 -13.06 7.86 -4.53
N SER A 88 -13.68 6.70 -4.31
CA SER A 88 -13.19 5.69 -3.39
C SER A 88 -12.63 4.53 -4.22
N PHE A 89 -11.34 4.58 -4.47
CA PHE A 89 -10.65 3.53 -5.21
C PHE A 89 -10.62 2.25 -4.37
N PRO A 90 -10.29 1.12 -4.98
CA PRO A 90 -10.11 -0.11 -4.18
C PRO A 90 -9.00 0.06 -3.15
N GLN A 91 -8.99 -0.84 -2.18
CA GLN A 91 -7.92 -0.85 -1.19
C GLN A 91 -6.58 -1.10 -1.89
N PRO A 92 -5.48 -0.59 -1.33
CA PRO A 92 -4.16 -0.81 -1.94
C PRO A 92 -3.80 -2.28 -2.17
N ILE A 93 -4.49 -3.22 -1.53
CA ILE A 93 -4.17 -4.62 -1.75
C ILE A 93 -4.63 -5.07 -3.15
N ILE A 94 -5.81 -4.62 -3.58
CA ILE A 94 -6.25 -4.90 -4.94
C ILE A 94 -5.41 -4.10 -5.94
N LEU A 95 -5.12 -2.84 -5.61
CA LEU A 95 -4.27 -2.01 -6.47
C LEU A 95 -2.93 -2.69 -6.71
N GLY A 96 -2.34 -3.26 -5.65
CA GLY A 96 -1.13 -4.04 -5.82
C GLY A 96 -1.36 -5.31 -6.63
N ALA A 97 -2.53 -5.93 -6.47
CA ALA A 97 -2.86 -7.07 -7.31
C ALA A 97 -2.88 -6.72 -8.79
N THR A 98 -3.10 -5.45 -9.14
CA THR A 98 -3.08 -5.08 -10.55
C THR A 98 -1.69 -5.23 -11.18
N PHE A 99 -0.62 -4.96 -10.41
CA PHE A 99 0.75 -4.93 -10.93
C PHE A 99 0.85 -3.98 -12.13
N ASP A 100 0.17 -2.84 -12.03
CA ASP A 100 0.08 -1.84 -13.08
C ASP A 100 0.59 -0.52 -12.50
N ASP A 101 1.90 -0.28 -12.64
CA ASP A 101 2.52 0.90 -12.04
C ASP A 101 1.93 2.19 -12.61
N ASP A 102 1.71 2.23 -13.93
CA ASP A 102 1.12 3.39 -14.57
C ASP A 102 -0.25 3.72 -13.99
N LEU A 103 -1.06 2.68 -13.75
CA LEU A 103 -2.37 2.88 -13.14
C LEU A 103 -2.23 3.45 -11.74
N ILE A 104 -1.21 3.03 -11.00
CA ILE A 104 -0.99 3.59 -9.67
C ILE A 104 -0.70 5.08 -9.76
N HIS A 105 0.12 5.48 -10.73
CA HIS A 105 0.37 6.92 -10.91
C HIS A 105 -0.91 7.67 -11.25
N SER A 106 -1.74 7.10 -12.12
CA SER A 106 -2.99 7.77 -12.49
C SER A 106 -3.91 7.92 -11.29
N ILE A 107 -4.01 6.87 -10.47
CA ILE A 107 -4.86 6.91 -9.28
C ILE A 107 -4.34 7.96 -8.30
N ALA A 108 -3.02 8.05 -8.14
CA ALA A 108 -2.45 9.08 -7.27
C ALA A 108 -2.78 10.47 -7.79
N THR A 109 -2.72 10.66 -9.10
CA THR A 109 -3.09 11.95 -9.69
C THR A 109 -4.53 12.31 -9.35
N VAL A 110 -5.45 11.35 -9.50
CA VAL A 110 -6.86 11.61 -9.19
C VAL A 110 -7.02 11.96 -7.71
N ILE A 111 -6.36 11.21 -6.83
CA ILE A 111 -6.49 11.46 -5.40
C ILE A 111 -6.00 12.85 -5.04
N SER A 112 -4.85 13.24 -5.61
CA SER A 112 -4.29 14.56 -5.29
C SER A 112 -5.17 15.68 -5.84
N THR A 113 -5.76 15.49 -7.03
CA THR A 113 -6.68 16.49 -7.56
C THR A 113 -7.88 16.68 -6.65
N GLU A 114 -8.54 15.57 -6.27
CA GLU A 114 -9.72 15.67 -5.42
C GLU A 114 -9.37 16.26 -4.06
N ALA A 115 -8.20 15.89 -3.52
CA ALA A 115 -7.77 16.43 -2.23
C ALA A 115 -7.54 17.94 -2.32
N ARG A 116 -6.93 18.39 -3.42
CA ARG A 116 -6.75 19.82 -3.62
C ARG A 116 -8.09 20.55 -3.67
N ALA A 117 -9.07 19.97 -4.36
CA ALA A 117 -10.39 20.59 -4.40
C ALA A 117 -10.99 20.68 -3.00
N PHE A 118 -10.95 19.58 -2.25
CA PHE A 118 -11.49 19.60 -0.89
C PHE A 118 -10.78 20.64 -0.03
N ASN A 119 -9.48 20.82 -0.20
CA ASN A 119 -8.76 21.84 0.56
C ASN A 119 -9.19 23.24 0.14
N ASN A 120 -9.40 23.45 -1.16
CA ASN A 120 -9.95 24.72 -1.62
C ASN A 120 -11.33 24.99 -1.05
N ALA A 121 -12.05 23.95 -0.64
CA ALA A 121 -13.33 24.11 0.03
C ALA A 121 -13.21 24.25 1.54
N GLY A 122 -12.01 24.23 2.10
CA GLY A 122 -11.85 24.22 3.54
C GLY A 122 -12.27 22.91 4.16
N ARG A 123 -12.16 21.80 3.43
CA ARG A 123 -12.60 20.50 3.89
C ARG A 123 -11.48 19.47 3.90
N ALA A 124 -10.23 19.91 3.78
CA ALA A 124 -9.08 19.03 3.83
C ALA A 124 -7.84 19.89 3.99
N GLY A 125 -6.78 19.28 4.49
CA GLY A 125 -5.48 19.90 4.50
C GLY A 125 -4.81 19.77 3.15
N LEU A 126 -3.51 20.03 3.13
CA LEU A 126 -2.68 19.86 1.95
C LEU A 126 -1.66 18.77 2.20
N ASP A 127 -2.07 17.75 2.94
CA ASP A 127 -1.12 16.95 3.69
C ASP A 127 -1.83 15.74 4.30
N PHE A 128 -1.51 14.54 3.79
CA PHE A 128 -2.32 13.35 4.04
C PHE A 128 -1.43 12.19 4.46
N PHE A 129 -1.92 11.39 5.40
CA PHE A 129 -1.15 10.28 5.98
C PHE A 129 -1.30 9.04 5.10
N THR A 130 -0.64 9.08 3.96
CA THR A 130 -0.66 8.01 2.98
C THR A 130 0.64 8.06 2.19
N PRO A 131 1.19 6.91 1.76
CA PRO A 131 0.68 5.54 1.90
C PRO A 131 1.25 4.73 3.05
N ASN A 132 0.62 3.59 3.30
CA ASN A 132 1.12 2.56 4.21
C ASN A 132 1.98 1.61 3.39
N ILE A 133 3.28 1.57 3.67
CA ILE A 133 4.20 0.74 2.91
C ILE A 133 4.89 -0.31 3.79
N ASN A 134 4.28 -0.66 4.91
CA ASN A 134 4.75 -1.81 5.67
C ASN A 134 4.34 -3.08 4.94
N PRO A 135 5.27 -3.99 4.64
CA PRO A 135 4.90 -5.21 3.93
C PRO A 135 3.86 -6.03 4.70
N PHE A 136 2.87 -6.53 3.98
CA PHE A 136 1.87 -7.45 4.53
C PHE A 136 2.54 -8.78 4.83
N LYS A 137 3.38 -8.80 5.87
CA LYS A 137 4.28 -9.92 6.10
C LYS A 137 3.56 -11.13 6.66
N ASP A 138 2.96 -11.01 7.84
CA ASP A 138 2.20 -12.11 8.42
C ASP A 138 0.77 -12.08 7.89
N PRO A 139 0.20 -13.21 7.47
CA PRO A 139 -1.13 -13.19 6.85
C PRO A 139 -2.25 -12.74 7.78
N ARG A 140 -2.01 -12.70 9.09
CA ARG A 140 -3.04 -12.35 10.05
C ARG A 140 -3.21 -10.85 10.27
N TRP A 141 -2.32 -10.03 9.72
CA TRP A 141 -2.29 -8.62 10.07
C TRP A 141 -3.60 -7.92 9.67
N GLY A 142 -4.17 -7.19 10.63
CA GLY A 142 -5.45 -6.53 10.40
C GLY A 142 -5.38 -5.33 9.50
N ARG A 143 -4.18 -4.78 9.27
CA ARG A 143 -4.00 -3.62 8.42
C ARG A 143 -3.33 -3.93 7.09
N GLY A 144 -2.96 -5.20 6.85
CA GLY A 144 -2.34 -5.55 5.58
C GLY A 144 -3.18 -5.20 4.38
N GLN A 145 -4.51 -5.13 4.57
CA GLN A 145 -5.41 -4.67 3.52
C GLN A 145 -5.03 -3.29 2.98
N GLU A 146 -4.32 -2.49 3.78
CA GLU A 146 -3.94 -1.13 3.39
C GLU A 146 -2.66 -1.08 2.56
N THR A 147 -2.02 -2.22 2.31
CA THR A 147 -0.72 -2.29 1.67
C THR A 147 -0.80 -2.96 0.31
N PRO A 148 0.19 -2.76 -0.55
CA PRO A 148 0.16 -3.44 -1.87
C PRO A 148 0.43 -4.94 -1.78
N GLY A 149 1.00 -5.44 -0.70
CA GLY A 149 1.25 -6.85 -0.58
C GLY A 149 2.48 -7.11 0.26
N GLU A 150 3.04 -8.31 0.07
CA GLU A 150 4.12 -8.83 0.92
C GLU A 150 5.49 -8.73 0.28
N ASP A 151 5.61 -8.18 -0.93
CA ASP A 151 6.88 -8.15 -1.64
C ASP A 151 7.46 -6.73 -1.60
N PRO A 152 8.65 -6.55 -1.02
CA PRO A 152 9.21 -5.18 -0.93
C PRO A 152 9.48 -4.52 -2.27
N TYR A 153 9.88 -5.28 -3.30
CA TYR A 153 10.13 -4.67 -4.61
C TYR A 153 8.85 -4.13 -5.21
N HIS A 154 7.79 -4.93 -5.19
CA HIS A 154 6.50 -4.50 -5.69
C HIS A 154 5.99 -3.28 -4.95
N ILE A 155 6.13 -3.28 -3.62
CA ILE A 155 5.73 -2.12 -2.83
C ILE A 155 6.56 -0.90 -3.21
N ALA A 156 7.85 -1.10 -3.50
CA ALA A 156 8.72 0.01 -3.86
C ALA A 156 8.29 0.65 -5.17
N GLN A 157 8.00 -0.17 -6.19
CA GLN A 157 7.52 0.39 -7.45
C GLN A 157 6.18 1.09 -7.28
N TYR A 158 5.24 0.44 -6.59
CA TYR A 158 3.96 1.04 -6.25
C TYR A 158 4.15 2.41 -5.62
N VAL A 159 5.03 2.50 -4.63
CA VAL A 159 5.12 3.74 -3.84
C VAL A 159 5.83 4.83 -4.63
N TYR A 160 6.81 4.47 -5.48
CA TYR A 160 7.37 5.46 -6.38
C TYR A 160 6.27 6.11 -7.21
N GLN A 161 5.45 5.27 -7.86
CA GLN A 161 4.35 5.80 -8.69
C GLN A 161 3.41 6.67 -7.86
N LEU A 162 3.01 6.18 -6.68
CA LEU A 162 2.01 6.88 -5.89
C LEU A 162 2.53 8.22 -5.37
N ILE A 163 3.77 8.25 -4.88
CA ILE A 163 4.33 9.49 -4.35
C ILE A 163 4.46 10.52 -5.47
N THR A 164 4.98 10.11 -6.62
CA THR A 164 5.15 11.08 -7.70
C THR A 164 3.81 11.58 -8.22
N GLY A 165 2.79 10.72 -8.24
CA GLY A 165 1.47 11.18 -8.65
C GLY A 165 0.83 12.11 -7.64
N LEU A 166 1.01 11.82 -6.34
CA LEU A 166 0.36 12.62 -5.30
C LEU A 166 1.02 13.99 -5.16
N GLN A 167 2.35 14.06 -5.25
CA GLN A 167 3.04 15.30 -4.99
C GLN A 167 3.31 16.13 -6.24
N GLY A 168 3.10 15.55 -7.43
CA GLY A 168 3.24 16.31 -8.66
C GLY A 168 4.65 16.37 -9.19
N GLY A 169 5.20 15.22 -9.56
CA GLY A 169 6.55 15.14 -10.09
C GLY A 169 7.56 14.72 -9.04
N LEU A 170 8.81 14.60 -9.49
CA LEU A 170 9.91 14.24 -8.61
C LEU A 170 10.39 15.40 -7.75
N SER A 171 9.80 16.57 -7.89
CA SER A 171 10.24 17.77 -7.18
C SER A 171 9.12 18.79 -7.23
N PRO A 172 9.03 19.68 -6.24
CA PRO A 172 8.08 20.79 -6.34
C PRO A 172 8.50 21.76 -7.43
N ASP A 173 8.08 21.50 -8.68
CA ASP A 173 8.49 22.35 -9.79
C ASP A 173 7.98 23.77 -9.61
N PRO A 174 6.66 24.04 -9.51
CA PRO A 174 6.25 25.24 -8.78
C PRO A 174 6.01 24.90 -7.32
N TYR A 175 5.05 24.01 -7.07
CA TYR A 175 4.66 23.65 -5.71
C TYR A 175 4.43 22.16 -5.61
N TYR A 176 4.39 21.68 -4.36
CA TYR A 176 3.80 20.38 -4.08
C TYR A 176 2.32 20.41 -4.41
N LYS A 177 1.81 19.31 -4.97
CA LYS A 177 0.37 19.19 -5.14
C LYS A 177 -0.27 18.93 -3.78
N VAL A 178 -0.02 17.75 -3.23
CA VAL A 178 -0.21 17.48 -1.82
C VAL A 178 1.09 16.86 -1.30
N VAL A 179 1.28 16.92 0.01
CA VAL A 179 2.44 16.33 0.65
C VAL A 179 2.05 14.93 1.14
N ALA A 180 2.66 13.91 0.54
CA ALA A 180 2.42 12.54 0.96
C ALA A 180 3.22 12.22 2.22
N ASP A 181 2.97 11.04 2.77
CA ASP A 181 3.64 10.65 4.01
C ASP A 181 3.69 9.13 4.09
N CYS A 182 4.85 8.56 3.76
CA CYS A 182 5.03 7.11 3.90
C CYS A 182 5.15 6.76 5.37
N LYS A 183 4.25 5.92 5.86
CA LYS A 183 3.94 5.90 7.29
C LYS A 183 4.21 4.56 7.95
N HIS A 184 4.30 4.64 9.28
CA HIS A 184 4.72 3.55 10.16
C HIS A 184 6.12 3.05 9.80
N PHE A 185 7.08 3.97 9.83
CA PHE A 185 8.46 3.56 9.60
C PHE A 185 8.97 2.75 10.78
N ALA A 186 9.45 1.53 10.49
CA ALA A 186 10.25 0.64 11.32
C ALA A 186 9.45 -0.50 11.94
N GLY A 187 9.34 -1.60 11.20
CA GLY A 187 8.95 -2.88 11.77
C GLY A 187 7.53 -3.00 12.28
N TYR A 188 6.61 -2.18 11.78
CA TYR A 188 5.22 -2.20 12.23
C TYR A 188 4.40 -3.02 11.25
N ASP A 189 3.93 -4.19 11.70
CA ASP A 189 3.05 -5.03 10.88
C ASP A 189 2.20 -5.92 11.78
N LEU A 190 1.77 -5.39 12.92
CA LEU A 190 1.06 -6.18 13.91
C LEU A 190 0.21 -5.24 14.76
N GLU A 191 -1.02 -5.68 15.05
CA GLU A 191 -1.98 -4.84 15.78
C GLU A 191 -2.08 -5.22 17.24
N ASP A 192 -2.73 -6.35 17.53
CA ASP A 192 -2.97 -6.76 18.91
C ASP A 192 -2.89 -8.27 19.10
N TRP A 193 -2.19 -8.99 18.23
CA TRP A 193 -2.21 -10.45 18.25
C TRP A 193 -1.72 -10.99 19.59
N HIS A 194 -2.54 -11.85 20.20
CA HIS A 194 -2.19 -12.55 21.44
C HIS A 194 -1.79 -11.57 22.55
N GLY A 195 -2.42 -10.40 22.57
CA GLY A 195 -2.15 -9.42 23.61
C GLY A 195 -0.93 -8.55 23.39
N ASN A 196 -0.23 -8.71 22.26
CA ASN A 196 0.91 -7.85 21.94
C ASN A 196 0.39 -6.60 21.26
N ASN A 197 0.01 -5.63 22.08
CA ASN A 197 -0.51 -4.37 21.54
C ASN A 197 0.60 -3.60 20.85
N ARG A 198 0.27 -3.07 19.67
CA ARG A 198 1.21 -2.28 18.88
C ARG A 198 1.92 -1.22 19.72
N MET A 199 1.18 -0.57 20.62
CA MET A 199 1.71 0.57 21.37
C MET A 199 2.67 0.16 22.48
N ALA A 200 2.78 -1.15 22.74
CA ALA A 200 3.69 -1.69 23.73
C ALA A 200 4.61 -2.74 23.15
N PHE A 201 4.57 -2.96 21.84
CA PHE A 201 5.26 -4.09 21.22
C PHE A 201 6.70 -3.74 20.89
N ASN A 202 7.59 -4.71 21.10
CA ASN A 202 9.01 -4.59 20.79
C ASN A 202 9.33 -5.53 19.64
N ALA A 203 9.64 -4.97 18.47
CA ALA A 203 9.95 -5.75 17.28
C ALA A 203 11.45 -6.03 17.27
N VAL A 204 11.82 -7.27 17.61
CA VAL A 204 13.22 -7.69 17.56
C VAL A 204 13.55 -8.06 16.12
N ILE A 205 14.31 -7.21 15.44
CA ILE A 205 14.57 -7.34 14.01
C ILE A 205 16.08 -7.35 13.79
N SER A 206 16.56 -8.35 13.05
CA SER A 206 17.96 -8.39 12.69
C SER A 206 18.30 -7.24 11.75
N THR A 207 19.57 -6.83 11.77
CA THR A 207 20.03 -5.82 10.82
C THR A 207 19.77 -6.25 9.38
N GLN A 208 20.07 -7.52 9.09
CA GLN A 208 19.85 -8.06 7.74
C GLN A 208 18.39 -7.91 7.33
N ASP A 209 17.46 -8.28 8.20
CA ASP A 209 16.05 -8.20 7.84
C ASP A 209 15.57 -6.76 7.80
N LEU A 210 16.13 -5.89 8.64
CA LEU A 210 15.78 -4.47 8.57
C LEU A 210 16.14 -3.90 7.20
N ALA A 211 17.33 -4.23 6.70
CA ALA A 211 17.76 -3.67 5.41
C ALA A 211 17.17 -4.42 4.22
N GLU A 212 16.82 -5.69 4.38
CA GLU A 212 16.43 -6.54 3.27
C GLU A 212 14.91 -6.64 3.08
N PHE A 213 14.13 -6.48 4.15
CA PHE A 213 12.69 -6.67 4.07
C PHE A 213 11.89 -5.46 4.54
N TYR A 214 12.24 -4.89 5.70
CA TYR A 214 11.37 -3.93 6.34
C TYR A 214 11.54 -2.50 5.85
N THR A 215 12.62 -2.18 5.13
CA THR A 215 12.86 -0.80 4.73
C THR A 215 13.07 -0.50 3.23
N PRO A 216 13.25 -1.48 2.32
CA PRO A 216 13.45 -1.10 0.91
C PRO A 216 12.34 -0.23 0.33
N SER A 217 11.08 -0.48 0.71
CA SER A 217 10.00 0.39 0.25
C SER A 217 10.22 1.83 0.71
N PHE A 218 10.79 2.01 1.91
CA PHE A 218 11.10 3.35 2.37
C PHE A 218 12.28 3.95 1.60
N GLN A 219 13.21 3.11 1.13
CA GLN A 219 14.19 3.56 0.15
C GLN A 219 13.48 4.20 -1.03
N SER A 220 12.59 3.45 -1.67
CA SER A 220 11.93 3.94 -2.87
C SER A 220 11.12 5.21 -2.58
N CYS A 221 10.44 5.26 -1.43
CA CYS A 221 9.57 6.39 -1.14
C CYS A 221 10.37 7.65 -0.78
N VAL A 222 11.38 7.50 0.05
CA VAL A 222 12.11 8.65 0.57
C VAL A 222 13.25 9.07 -0.34
N ARG A 223 14.06 8.13 -0.79
CA ARG A 223 15.25 8.45 -1.59
C ARG A 223 14.94 8.60 -3.07
N ASP A 224 14.07 7.76 -3.61
CA ASP A 224 13.82 7.75 -5.05
C ASP A 224 12.64 8.62 -5.45
N ALA A 225 11.59 8.67 -4.63
CA ALA A 225 10.39 9.45 -4.95
C ALA A 225 10.33 10.79 -4.24
N HIS A 226 11.21 11.03 -3.25
CA HIS A 226 11.35 12.32 -2.60
C HIS A 226 10.06 12.74 -1.87
N VAL A 227 9.55 11.82 -1.04
CA VAL A 227 8.40 12.16 -0.21
C VAL A 227 8.78 13.29 0.73
N GLY A 228 7.83 14.17 1.01
CA GLY A 228 8.08 15.27 1.91
C GLY A 228 7.80 14.97 3.37
N SER A 229 7.52 13.71 3.70
CA SER A 229 7.08 13.40 5.06
C SER A 229 7.16 11.90 5.31
N VAL A 230 7.54 11.53 6.54
CA VAL A 230 7.53 10.16 7.01
C VAL A 230 6.85 10.14 8.37
N MET A 231 6.08 9.09 8.65
CA MET A 231 5.49 8.88 9.97
C MET A 231 6.25 7.77 10.68
N CYS A 232 6.67 8.04 11.92
CA CYS A 232 7.34 7.03 12.72
C CYS A 232 6.32 6.22 13.50
N SER A 233 6.68 4.97 13.80
CA SER A 233 5.73 3.93 14.13
C SER A 233 5.37 3.92 15.62
N TYR A 234 4.24 3.25 15.91
CA TYR A 234 3.80 3.07 17.30
C TYR A 234 4.80 2.25 18.10
N ASN A 235 5.38 1.23 17.47
CA ASN A 235 6.08 0.17 18.18
C ASN A 235 7.54 0.54 18.43
N ALA A 236 8.23 -0.37 19.10
CA ALA A 236 9.67 -0.28 19.30
C ALA A 236 10.38 -1.27 18.38
N VAL A 237 11.59 -0.91 17.99
CA VAL A 237 12.47 -1.80 17.22
C VAL A 237 13.73 -1.98 18.05
N ASN A 238 13.93 -3.21 18.56
CA ASN A 238 15.09 -3.55 19.39
C ASN A 238 15.16 -2.67 20.63
N GLY A 239 14.02 -2.50 21.29
CA GLY A 239 13.95 -1.82 22.57
C GLY A 239 13.65 -0.34 22.52
N VAL A 240 13.95 0.32 21.41
CA VAL A 240 13.73 1.76 21.27
C VAL A 240 12.44 1.98 20.50
N PRO A 241 11.47 2.72 21.05
CA PRO A 241 10.32 3.11 20.24
C PRO A 241 10.77 3.87 19.01
N SER A 242 10.06 3.66 17.89
CA SER A 242 10.48 4.20 16.61
C SER A 242 10.69 5.71 16.68
N CYS A 243 9.69 6.43 17.17
CA CYS A 243 9.73 7.89 17.18
C CYS A 243 10.80 8.46 18.11
N ALA A 244 11.41 7.63 18.97
CA ALA A 244 12.48 8.06 19.85
C ALA A 244 13.82 7.42 19.50
N SER A 245 13.99 6.99 18.25
CA SER A 245 15.22 6.32 17.82
C SER A 245 15.96 7.18 16.81
N PRO A 246 17.00 7.91 17.21
CA PRO A 246 17.77 8.68 16.22
C PRO A 246 18.49 7.80 15.22
N TYR A 247 18.70 6.52 15.52
CA TYR A 247 19.24 5.61 14.50
C TYR A 247 18.25 5.43 13.36
N LEU A 248 16.95 5.29 13.69
CA LEU A 248 15.94 5.12 12.65
C LEU A 248 15.64 6.44 11.95
N LEU A 249 15.42 7.51 12.72
CA LEU A 249 14.96 8.76 12.13
C LEU A 249 16.09 9.56 11.51
N GLN A 250 17.26 9.61 12.15
CA GLN A 250 18.37 10.37 11.61
C GLN A 250 19.25 9.52 10.69
N ASP A 251 19.78 8.41 11.21
CA ASP A 251 20.77 7.64 10.45
C ASP A 251 20.16 6.98 9.23
N LEU A 252 18.91 6.53 9.32
CA LEU A 252 18.26 5.82 8.23
C LEU A 252 17.34 6.72 7.41
N ILE A 253 16.37 7.35 8.05
CA ILE A 253 15.36 8.12 7.31
C ILE A 253 15.99 9.37 6.69
N ARG A 254 16.63 10.20 7.52
CA ARG A 254 17.08 11.50 7.04
C ARG A 254 18.37 11.40 6.24
N ASP A 255 19.27 10.50 6.63
CA ASP A 255 20.61 10.44 6.02
C ASP A 255 20.71 9.35 4.96
N HIS A 256 20.46 8.09 5.33
CA HIS A 256 20.58 7.00 4.36
C HIS A 256 19.57 7.13 3.24
N PHE A 257 18.30 7.36 3.59
CA PHE A 257 17.24 7.48 2.59
C PHE A 257 17.01 8.93 2.16
N GLY A 258 17.75 9.88 2.71
CA GLY A 258 17.74 11.25 2.20
C GLY A 258 16.45 12.01 2.35
N LEU A 259 15.80 11.95 3.52
CA LEU A 259 14.65 12.81 3.74
C LEU A 259 15.07 14.26 3.98
N GLY A 260 16.24 14.47 4.57
CA GLY A 260 16.75 15.81 4.73
C GLY A 260 15.84 16.67 5.58
N ASP A 261 15.40 17.79 5.01
CA ASP A 261 14.55 18.73 5.73
C ASP A 261 13.07 18.36 5.66
N GLY A 262 12.72 17.25 5.04
CA GLY A 262 11.37 16.73 5.19
C GLY A 262 11.06 16.41 6.64
N TRP A 263 9.80 16.51 7.01
CA TRP A 263 9.41 16.39 8.41
C TRP A 263 8.92 14.99 8.73
N ILE A 264 9.00 14.66 10.01
CA ILE A 264 8.59 13.35 10.53
C ILE A 264 7.49 13.57 11.55
N THR A 265 6.32 12.99 11.30
CA THR A 265 5.24 12.97 12.27
C THR A 265 5.28 11.66 13.03
N SER A 266 4.95 11.72 14.31
CA SER A 266 4.71 10.48 15.03
C SER A 266 3.40 9.87 14.55
N ASP A 267 3.23 8.57 14.81
CA ASP A 267 1.87 8.09 14.78
C ASP A 267 1.11 8.71 15.95
N CYS A 268 -0.20 8.55 15.95
CA CYS A 268 -1.02 9.47 16.73
C CYS A 268 -0.86 9.19 18.22
N ASP A 269 -0.18 10.12 18.89
CA ASP A 269 0.41 9.98 20.20
C ASP A 269 1.12 8.63 20.36
N ALA A 270 2.12 8.44 19.50
CA ALA A 270 3.17 7.47 19.77
C ALA A 270 4.23 8.05 20.69
N VAL A 271 4.41 9.37 20.66
CA VAL A 271 5.26 10.05 21.64
C VAL A 271 4.72 9.82 23.04
N ASP A 272 3.39 9.88 23.20
CA ASP A 272 2.78 9.52 24.48
C ASP A 272 3.08 8.08 24.84
N ASN A 273 3.14 7.20 23.83
CA ASN A 273 3.40 5.79 24.10
C ASN A 273 4.86 5.55 24.49
N VAL A 274 5.77 6.41 24.06
CA VAL A 274 7.17 6.31 24.48
C VAL A 274 7.26 6.28 26.01
N PHE A 275 6.37 7.01 26.67
CA PHE A 275 6.26 6.97 28.13
C PHE A 275 5.35 5.85 28.59
N ASP A 276 4.10 5.83 28.08
CA ASP A 276 3.09 4.88 28.50
C ASP A 276 2.42 4.34 27.24
N PRO A 277 2.52 3.03 26.95
CA PRO A 277 3.03 1.98 27.84
C PRO A 277 4.45 1.48 27.57
N HIS A 278 5.18 2.05 26.61
CA HIS A 278 6.52 1.54 26.31
C HIS A 278 7.43 1.63 27.52
N ASN A 279 7.17 2.58 28.42
CA ASN A 279 8.01 2.80 29.60
C ASN A 279 9.47 2.97 29.21
N TYR A 280 9.69 3.75 28.15
CA TYR A 280 11.03 4.05 27.68
C TYR A 280 11.64 5.24 28.40
N THR A 281 10.84 6.25 28.69
CA THR A 281 11.23 7.34 29.58
C THR A 281 10.33 7.29 30.81
N SER A 282 10.88 7.73 31.94
CA SER A 282 10.15 7.72 33.20
C SER A 282 9.26 8.94 33.39
N THR A 283 9.29 9.89 32.46
CA THR A 283 8.43 11.07 32.49
C THR A 283 7.91 11.34 31.09
N LEU A 284 6.82 12.12 31.03
CA LEU A 284 6.27 12.50 29.73
C LEU A 284 7.13 13.57 29.06
N VAL A 285 7.69 14.48 29.86
CA VAL A 285 8.58 15.51 29.33
C VAL A 285 9.77 14.87 28.62
N ASN A 286 10.38 13.86 29.24
CA ASN A 286 11.53 13.21 28.61
C ASN A 286 11.12 12.40 27.39
N ALA A 287 9.91 11.84 27.38
CA ALA A 287 9.41 11.19 26.17
C ALA A 287 9.40 12.18 25.01
N SER A 288 8.75 13.33 25.21
CA SER A 288 8.75 14.38 24.19
C SER A 288 10.18 14.76 23.81
N ALA A 289 11.07 14.89 24.80
CA ALA A 289 12.42 15.38 24.55
C ALA A 289 13.21 14.43 23.66
N VAL A 290 13.21 13.13 24.01
CA VAL A 290 13.99 12.19 23.23
C VAL A 290 13.35 11.97 21.86
N SER A 291 12.02 12.05 21.76
CA SER A 291 11.40 11.95 20.45
C SER A 291 11.79 13.14 19.57
N LEU A 292 11.88 14.34 20.15
CA LEU A 292 12.27 15.51 19.37
C LEU A 292 13.73 15.44 18.95
N LYS A 293 14.62 15.05 19.87
CA LYS A 293 16.03 14.96 19.50
C LYS A 293 16.28 13.84 18.50
N ALA A 294 15.46 12.78 18.52
CA ALA A 294 15.63 11.69 17.57
C ALA A 294 15.25 12.13 16.16
N GLY A 295 14.20 12.94 16.03
CA GLY A 295 13.82 13.43 14.72
C GLY A 295 12.32 13.56 14.49
N THR A 296 11.52 13.32 15.52
CA THR A 296 10.08 13.51 15.44
C THR A 296 9.78 15.01 15.50
N ASP A 297 9.35 15.58 14.39
CA ASP A 297 9.16 17.03 14.29
C ASP A 297 7.79 17.48 14.75
N VAL A 298 6.73 16.77 14.37
CA VAL A 298 5.36 17.11 14.75
C VAL A 298 4.73 15.90 15.43
N ASP A 299 3.98 16.16 16.50
CA ASP A 299 3.36 15.12 17.31
C ASP A 299 1.89 15.00 16.92
N CYS A 300 1.47 13.81 16.51
CA CYS A 300 0.04 13.55 16.28
C CYS A 300 -0.63 13.35 17.63
N GLY A 301 -0.78 14.46 18.36
CA GLY A 301 -1.38 14.41 19.68
C GLY A 301 -1.28 15.78 20.33
N THR A 302 -1.30 15.78 21.66
CA THR A 302 -1.13 17.00 22.43
C THR A 302 0.07 16.92 23.36
N THR A 303 0.89 15.87 23.27
CA THR A 303 1.98 15.67 24.20
C THR A 303 3.04 16.76 24.05
N TYR A 304 3.41 17.07 22.81
CA TYR A 304 4.41 18.10 22.56
C TYR A 304 3.95 19.45 23.10
N SER A 305 2.76 19.89 22.70
CA SER A 305 2.26 21.20 23.11
C SER A 305 2.09 21.31 24.62
N GLN A 306 2.05 20.19 25.33
CA GLN A 306 1.96 20.20 26.78
C GLN A 306 3.30 20.05 27.48
N THR A 307 4.33 19.55 26.79
CA THR A 307 5.56 19.19 27.47
C THR A 307 6.82 19.90 26.98
N LEU A 308 6.84 20.41 25.74
CA LEU A 308 8.11 20.85 25.16
C LEU A 308 8.64 22.13 25.81
N VAL A 309 7.75 22.97 26.34
CA VAL A 309 8.22 24.15 27.08
C VAL A 309 8.92 23.72 28.37
N ASP A 310 8.30 22.80 29.11
CA ASP A 310 8.95 22.17 30.25
C ASP A 310 10.30 21.56 29.84
N ALA A 311 10.34 20.94 28.67
CA ALA A 311 11.54 20.25 28.22
C ALA A 311 12.66 21.23 27.91
N VAL A 312 12.32 22.38 27.32
CA VAL A 312 13.31 23.43 27.12
C VAL A 312 13.81 23.96 28.45
N ASN A 313 12.89 24.22 29.38
CA ASN A 313 13.30 24.76 30.68
C ASN A 313 14.14 23.78 31.47
N GLN A 314 13.89 22.47 31.33
CA GLN A 314 14.69 21.45 32.00
C GLN A 314 15.96 21.10 31.22
N LYS A 315 16.32 21.88 30.21
CA LYS A 315 17.52 21.68 29.40
C LYS A 315 17.53 20.31 28.72
N LEU A 316 16.38 19.65 28.62
CA LEU A 316 16.32 18.36 27.94
C LEU A 316 16.37 18.54 26.43
N VAL A 317 15.72 19.58 25.91
CA VAL A 317 15.88 20.02 24.53
C VAL A 317 16.25 21.49 24.54
N THR A 318 16.72 21.97 23.40
CA THR A 318 17.00 23.38 23.21
C THR A 318 15.85 24.05 22.48
N GLU A 319 15.78 25.37 22.60
CA GLU A 319 14.87 26.14 21.78
C GLU A 319 15.16 25.95 20.30
N ASP A 320 16.43 25.66 19.97
CA ASP A 320 16.82 25.49 18.58
C ASP A 320 16.28 24.18 18.00
N ASP A 321 16.13 23.14 18.82
CA ASP A 321 15.50 21.92 18.34
C ASP A 321 14.05 22.19 17.90
N VAL A 322 13.30 22.89 18.77
CA VAL A 322 11.95 23.29 18.44
C VAL A 322 11.92 24.13 17.17
N LYS A 323 12.85 25.09 17.08
CA LYS A 323 12.88 25.96 15.90
C LYS A 323 13.18 25.19 14.63
N THR A 324 14.08 24.19 14.72
CA THR A 324 14.40 23.38 13.55
C THR A 324 13.18 22.59 13.08
N SER A 325 12.47 21.96 14.02
CA SER A 325 11.23 21.28 13.66
C SER A 325 10.26 22.24 12.98
N MET A 326 10.04 23.41 13.60
CA MET A 326 9.09 24.37 13.05
C MET A 326 9.51 24.84 11.66
N VAL A 327 10.81 25.02 11.44
CA VAL A 327 11.30 25.39 10.11
C VAL A 327 10.97 24.30 9.11
N ARG A 328 11.11 23.03 9.52
CA ARG A 328 10.75 21.95 8.62
C ARG A 328 9.28 21.98 8.25
N LEU A 329 8.40 22.08 9.25
CA LEU A 329 6.96 22.11 8.99
C LEU A 329 6.58 23.27 8.08
N TYR A 330 7.04 24.48 8.43
CA TYR A 330 6.65 25.66 7.67
C TYR A 330 7.30 25.71 6.30
N SER A 331 8.48 25.09 6.15
CA SER A 331 9.09 24.98 4.83
C SER A 331 8.26 24.08 3.92
N SER A 332 7.79 22.96 4.47
CA SER A 332 6.86 22.12 3.71
C SER A 332 5.62 22.91 3.30
N LEU A 333 5.05 23.68 4.24
CA LEU A 333 3.88 24.48 3.90
C LEU A 333 4.18 25.50 2.82
N VAL A 334 5.36 26.14 2.88
CA VAL A 334 5.76 27.12 1.87
C VAL A 334 5.83 26.47 0.50
N ARG A 335 6.41 25.26 0.43
CA ARG A 335 6.48 24.58 -0.86
C ARG A 335 5.12 24.11 -1.35
N LEU A 336 4.09 24.12 -0.51
CA LEU A 336 2.73 23.78 -0.91
C LEU A 336 1.96 24.98 -1.45
N GLY A 337 2.54 26.17 -1.42
CA GLY A 337 1.82 27.37 -1.81
C GLY A 337 0.98 27.99 -0.72
N TYR A 338 1.13 27.52 0.52
CA TYR A 338 0.36 28.03 1.65
C TYR A 338 0.54 29.54 1.81
N PHE A 339 1.77 30.03 1.66
CA PHE A 339 2.08 31.44 1.83
C PHE A 339 2.16 32.19 0.50
N ASP A 340 1.78 31.57 -0.60
CA ASP A 340 1.72 32.23 -1.88
C ASP A 340 0.28 32.60 -2.23
N SER A 341 0.13 33.61 -3.07
CA SER A 341 -1.20 34.03 -3.50
C SER A 341 -1.81 32.96 -4.40
N PRO A 342 -3.14 32.77 -4.33
CA PRO A 342 -3.77 31.72 -5.13
C PRO A 342 -3.92 32.07 -6.60
N GLU A 343 -3.54 33.29 -7.01
CA GLU A 343 -3.86 33.75 -8.36
C GLU A 343 -3.16 32.92 -9.42
N ASN A 344 -1.92 32.50 -9.18
CA ASN A 344 -1.13 31.78 -10.17
C ASN A 344 -1.02 30.29 -9.86
N GLN A 345 -1.88 29.78 -8.98
CA GLN A 345 -1.84 28.37 -8.61
C GLN A 345 -3.05 27.64 -9.17
N PRO A 346 -2.90 26.89 -10.27
CA PRO A 346 -4.06 26.13 -10.79
C PRO A 346 -4.64 25.15 -9.78
N TRP A 347 -3.80 24.55 -8.94
CA TRP A 347 -4.30 23.64 -7.91
C TRP A 347 -5.14 24.34 -6.86
N ARG A 348 -5.00 25.66 -6.73
CA ARG A 348 -5.87 26.45 -5.86
C ARG A 348 -7.21 26.77 -6.52
N GLN A 349 -7.43 26.34 -7.76
CA GLN A 349 -8.66 26.62 -8.47
C GLN A 349 -9.60 25.43 -8.55
N LEU A 350 -9.11 24.22 -8.27
CA LEU A 350 -9.93 23.03 -8.41
C LEU A 350 -11.13 23.08 -7.47
N GLY A 351 -12.28 22.67 -7.98
CA GLY A 351 -13.51 22.70 -7.21
C GLY A 351 -14.29 21.40 -7.30
N TRP A 352 -15.55 21.45 -6.88
CA TRP A 352 -16.39 20.26 -6.84
C TRP A 352 -16.57 19.62 -8.21
N ALA A 353 -16.39 20.39 -9.29
CA ALA A 353 -16.46 19.82 -10.63
C ALA A 353 -15.33 18.85 -10.91
N ASP A 354 -14.26 18.89 -10.11
CA ASP A 354 -13.06 18.10 -10.38
C ASP A 354 -12.97 16.83 -9.54
N VAL A 355 -14.07 16.42 -8.88
CA VAL A 355 -13.99 15.27 -8.00
C VAL A 355 -14.44 14.02 -8.76
N ASN A 356 -15.75 13.77 -8.82
CA ASN A 356 -16.27 12.53 -9.40
C ASN A 356 -16.33 12.66 -10.93
N THR A 357 -15.16 12.94 -11.50
CA THR A 357 -15.02 13.08 -12.94
C THR A 357 -15.36 11.76 -13.62
N PRO A 358 -16.05 11.79 -14.77
CA PRO A 358 -16.25 10.55 -15.53
C PRO A 358 -14.98 9.71 -15.68
N SER A 359 -13.85 10.36 -15.95
CA SER A 359 -12.59 9.63 -16.09
C SER A 359 -12.14 9.03 -14.77
N ALA A 360 -12.38 9.72 -13.65
CA ALA A 360 -11.99 9.17 -12.35
C ALA A 360 -12.84 7.96 -11.97
N GLN A 361 -14.14 8.03 -12.25
CA GLN A 361 -15.01 6.88 -12.03
C GLN A 361 -14.56 5.70 -12.88
N ALA A 362 -14.31 5.95 -14.18
CA ALA A 362 -13.79 4.91 -15.05
C ALA A 362 -12.47 4.36 -14.52
N LEU A 363 -11.67 5.19 -13.87
CA LEU A 363 -10.39 4.74 -13.34
C LEU A 363 -10.58 3.80 -12.15
N ALA A 364 -11.49 4.14 -11.25
CA ALA A 364 -11.82 3.22 -10.16
C ALA A 364 -12.29 1.87 -10.71
N LEU A 365 -13.16 1.93 -11.72
CA LEU A 365 -13.62 0.69 -12.35
C LEU A 365 -12.45 -0.11 -12.92
N THR A 366 -11.55 0.57 -13.65
CA THR A 366 -10.42 -0.12 -14.26
C THR A 366 -9.52 -0.75 -13.20
N ALA A 367 -9.29 -0.03 -12.09
CA ALA A 367 -8.48 -0.59 -11.01
C ALA A 367 -9.09 -1.88 -10.49
N ALA A 368 -10.39 -1.87 -10.21
CA ALA A 368 -11.02 -3.09 -9.74
C ALA A 368 -10.97 -4.20 -10.78
N GLU A 369 -11.12 -3.85 -12.07
CA GLU A 369 -11.13 -4.85 -13.12
C GLU A 369 -9.76 -5.49 -13.30
N GLU A 370 -8.70 -4.74 -13.07
CA GLU A 370 -7.34 -5.28 -13.20
C GLU A 370 -6.82 -5.92 -11.92
N GLY A 371 -7.47 -5.67 -10.78
CA GLY A 371 -6.98 -6.20 -9.53
C GLY A 371 -7.57 -7.52 -9.08
N VAL A 372 -8.82 -7.78 -9.46
CA VAL A 372 -9.48 -9.03 -9.08
C VAL A 372 -8.71 -10.20 -9.68
N VAL A 373 -8.45 -11.22 -8.86
CA VAL A 373 -7.65 -12.37 -9.26
C VAL A 373 -8.57 -13.57 -9.45
N LEU A 374 -8.43 -14.24 -10.59
CA LEU A 374 -9.15 -15.47 -10.89
C LEU A 374 -8.32 -16.65 -10.37
N LEU A 375 -8.77 -17.27 -9.28
CA LEU A 375 -8.01 -18.34 -8.66
C LEU A 375 -8.32 -19.71 -9.25
N LYS A 376 -9.54 -19.95 -9.69
CA LYS A 376 -9.90 -21.26 -10.19
C LYS A 376 -10.98 -21.13 -11.25
N ASN A 377 -10.88 -21.92 -12.31
CA ASN A 377 -11.85 -21.91 -13.39
C ASN A 377 -11.70 -23.18 -14.21
N ASP A 378 -12.82 -23.78 -14.58
CA ASP A 378 -12.85 -24.98 -15.40
C ASP A 378 -13.46 -24.75 -16.78
N GLY A 379 -13.72 -23.50 -17.13
CA GLY A 379 -14.45 -23.16 -18.33
C GLY A 379 -15.83 -22.58 -18.05
N THR A 380 -16.36 -22.77 -16.84
CA THR A 380 -17.64 -22.18 -16.48
C THR A 380 -17.62 -20.67 -16.65
N LEU A 381 -16.50 -20.03 -16.28
CA LEU A 381 -16.31 -18.61 -16.57
C LEU A 381 -15.47 -18.44 -17.82
N PRO A 382 -15.80 -17.49 -18.70
CA PRO A 382 -16.92 -16.55 -18.57
C PRO A 382 -18.27 -17.24 -18.75
N LEU A 383 -19.30 -16.67 -18.13
CA LEU A 383 -20.59 -17.35 -18.04
C LEU A 383 -21.14 -17.66 -19.43
N SER A 384 -21.75 -18.84 -19.56
CA SER A 384 -22.46 -19.18 -20.78
C SER A 384 -23.52 -18.13 -21.06
N ARG A 385 -23.74 -17.85 -22.34
CA ARG A 385 -24.75 -16.86 -22.68
C ARG A 385 -26.17 -17.38 -22.43
N ARG A 386 -26.35 -18.71 -22.37
N ARG A 386 -26.35 -18.71 -22.37
N ARG A 386 -26.34 -18.70 -22.38
CA ARG A 386 -27.64 -19.27 -22.04
CA ARG A 386 -27.65 -19.26 -22.04
CA ARG A 386 -27.63 -19.28 -22.03
C ARG A 386 -27.97 -19.17 -20.55
C ARG A 386 -27.96 -19.18 -20.55
C ARG A 386 -27.98 -19.11 -20.56
N ILE A 387 -27.02 -18.73 -19.72
CA ILE A 387 -27.25 -18.59 -18.29
C ILE A 387 -28.04 -17.30 -18.05
N LYS A 388 -29.21 -17.42 -17.42
CA LYS A 388 -30.14 -16.31 -17.32
C LYS A 388 -30.56 -16.03 -15.87
N HIS A 389 -30.88 -17.09 -15.13
CA HIS A 389 -31.40 -16.98 -13.77
C HIS A 389 -30.28 -17.38 -12.80
N ILE A 390 -29.82 -16.41 -12.01
CA ILE A 390 -28.69 -16.59 -11.11
C ILE A 390 -29.13 -16.34 -9.69
N ALA A 391 -28.72 -17.22 -8.78
CA ALA A 391 -28.89 -17.02 -7.35
C ALA A 391 -27.62 -16.42 -6.78
N VAL A 392 -27.74 -15.26 -6.13
CA VAL A 392 -26.62 -14.62 -5.46
C VAL A 392 -26.84 -14.76 -3.96
N VAL A 393 -25.81 -15.23 -3.27
CA VAL A 393 -25.92 -15.67 -1.88
C VAL A 393 -24.63 -15.34 -1.16
N GLY A 394 -24.73 -14.90 0.09
CA GLY A 394 -23.57 -14.75 0.92
C GLY A 394 -23.47 -13.40 1.60
N PRO A 395 -22.66 -13.32 2.67
CA PRO A 395 -22.53 -12.07 3.42
C PRO A 395 -21.83 -10.96 2.65
N TRP A 396 -21.35 -11.22 1.44
CA TRP A 396 -20.76 -10.21 0.57
C TRP A 396 -21.58 -9.97 -0.69
N ALA A 397 -22.69 -10.70 -0.86
CA ALA A 397 -23.42 -10.68 -2.13
C ALA A 397 -23.95 -9.29 -2.46
N ASN A 398 -24.51 -8.60 -1.46
CA ASN A 398 -25.00 -7.24 -1.62
C ASN A 398 -24.11 -6.26 -0.84
N ALA A 399 -22.80 -6.42 -0.97
CA ALA A 399 -21.86 -5.61 -0.20
C ALA A 399 -21.77 -4.21 -0.78
N THR A 400 -21.97 -3.20 0.07
CA THR A 400 -21.77 -1.82 -0.33
C THR A 400 -20.59 -1.22 0.43
N THR A 401 -20.81 -0.83 1.68
CA THR A 401 -19.73 -0.23 2.46
C THR A 401 -18.58 -1.20 2.68
N GLN A 402 -18.88 -2.51 2.73
CA GLN A 402 -17.83 -3.52 2.88
C GLN A 402 -16.75 -3.36 1.83
N MET A 403 -17.13 -3.04 0.59
CA MET A 403 -16.17 -2.91 -0.50
C MET A 403 -15.18 -1.78 -0.29
N GLN A 404 -15.39 -0.91 0.69
CA GLN A 404 -14.50 0.23 0.89
C GLN A 404 -13.38 -0.06 1.88
N GLY A 405 -13.41 -1.18 2.58
CA GLY A 405 -12.36 -1.49 3.53
C GLY A 405 -12.36 -0.48 4.67
N ASN A 406 -11.17 -0.01 5.02
CA ASN A 406 -11.01 1.05 6.01
C ASN A 406 -10.28 2.23 5.37
N TYR A 407 -10.09 3.28 6.19
CA TYR A 407 -9.45 4.52 5.73
C TYR A 407 -10.11 5.05 4.47
N GLN A 408 -11.43 5.02 4.46
CA GLN A 408 -12.25 5.38 3.31
C GLN A 408 -12.98 6.69 3.57
N GLY A 409 -13.47 7.29 2.49
CA GLY A 409 -14.37 8.40 2.56
C GLY A 409 -15.80 8.00 2.25
N ILE A 410 -16.60 8.98 1.86
CA ILE A 410 -17.95 8.74 1.38
C ILE A 410 -17.89 8.63 -0.14
N ALA A 411 -18.38 7.53 -0.66
CA ALA A 411 -18.30 7.34 -2.11
C ALA A 411 -19.55 7.92 -2.78
N PRO A 412 -19.43 8.32 -4.06
CA PRO A 412 -20.63 8.75 -4.79
C PRO A 412 -21.65 7.64 -4.93
N PHE A 413 -21.20 6.39 -5.07
CA PHE A 413 -22.09 5.25 -5.18
C PHE A 413 -21.32 4.01 -4.71
N LEU A 414 -22.07 2.96 -4.43
CA LEU A 414 -21.50 1.66 -4.05
C LEU A 414 -22.28 0.59 -4.81
N ILE A 415 -21.69 0.05 -5.87
CA ILE A 415 -22.35 -0.92 -6.72
C ILE A 415 -21.99 -2.31 -6.24
N SER A 416 -22.94 -2.98 -5.60
CA SER A 416 -22.73 -4.32 -5.06
C SER A 416 -22.74 -5.37 -6.18
N PRO A 417 -22.22 -6.57 -5.89
CA PRO A 417 -22.37 -7.65 -6.87
C PRO A 417 -23.82 -7.92 -7.26
N LEU A 418 -24.73 -7.87 -6.28
CA LEU A 418 -26.15 -8.04 -6.58
C LEU A 418 -26.63 -7.01 -7.59
N GLN A 419 -26.37 -5.73 -7.33
CA GLN A 419 -26.85 -4.69 -8.22
C GLN A 419 -26.17 -4.76 -9.57
N ALA A 420 -24.90 -5.15 -9.62
CA ALA A 420 -24.23 -5.24 -10.91
C ALA A 420 -24.76 -6.41 -11.72
N LEU A 421 -25.13 -7.51 -11.06
CA LEU A 421 -25.80 -8.60 -11.76
C LEU A 421 -27.14 -8.15 -12.31
N GLN A 422 -27.87 -7.32 -11.55
CA GLN A 422 -29.13 -6.80 -12.07
C GLN A 422 -28.89 -5.80 -13.20
N ASP A 423 -27.82 -5.01 -13.12
CA ASP A 423 -27.48 -4.06 -14.17
C ASP A 423 -27.17 -4.79 -15.47
N ALA A 424 -26.57 -5.98 -15.38
CA ALA A 424 -26.21 -6.75 -16.55
C ALA A 424 -27.41 -7.46 -17.18
N GLY A 425 -28.56 -7.46 -16.52
CA GLY A 425 -29.77 -8.04 -17.08
C GLY A 425 -30.12 -9.42 -16.59
N PHE A 426 -29.42 -9.95 -15.59
CA PHE A 426 -29.73 -11.27 -15.06
C PHE A 426 -30.99 -11.23 -14.20
N HIS A 427 -31.70 -12.36 -14.18
CA HIS A 427 -32.82 -12.57 -13.26
C HIS A 427 -32.25 -13.15 -11.98
N VAL A 428 -32.22 -12.35 -10.92
CA VAL A 428 -31.44 -12.66 -9.73
C VAL A 428 -32.36 -13.05 -8.59
N SER A 429 -32.04 -14.17 -7.94
CA SER A 429 -32.64 -14.57 -6.68
C SER A 429 -31.59 -14.38 -5.59
N PHE A 430 -31.83 -13.41 -4.72
CA PHE A 430 -30.84 -13.06 -3.70
C PHE A 430 -31.21 -13.70 -2.38
N ALA A 431 -30.18 -14.04 -1.62
CA ALA A 431 -30.39 -14.46 -0.24
C ALA A 431 -29.15 -14.13 0.56
N ASN A 432 -29.29 -13.42 1.69
CA ASN A 432 -28.10 -13.41 2.59
C ASN A 432 -27.49 -14.79 2.81
N GLY A 433 -28.29 -15.76 3.23
CA GLY A 433 -27.69 -17.05 3.43
C GLY A 433 -27.13 -17.28 4.83
N THR A 434 -26.12 -16.50 5.17
CA THR A 434 -25.53 -16.53 6.49
C THR A 434 -24.66 -15.28 6.65
N ALA A 435 -24.25 -15.02 7.88
CA ALA A 435 -23.47 -13.83 8.18
C ALA A 435 -21.98 -14.11 7.94
N ILE A 436 -21.16 -13.07 8.12
CA ILE A 436 -19.72 -13.22 7.96
C ILE A 436 -19.18 -14.26 8.95
N ASN A 437 -19.63 -14.18 10.21
CA ASN A 437 -19.06 -15.05 11.25
C ASN A 437 -20.13 -15.29 12.30
N SER A 438 -20.93 -16.35 12.08
CA SER A 438 -21.92 -16.78 13.05
C SER A 438 -22.13 -18.28 12.93
N THR A 439 -22.74 -18.86 13.95
CA THR A 439 -23.11 -20.27 13.95
C THR A 439 -24.56 -20.49 13.53
N ASP A 440 -25.30 -19.41 13.27
CA ASP A 440 -26.70 -19.52 12.91
C ASP A 440 -26.83 -20.08 11.49
N THR A 441 -27.59 -21.16 11.35
CA THR A 441 -27.87 -21.76 10.05
C THR A 441 -29.28 -21.44 9.57
N SER A 442 -29.96 -20.47 10.20
CA SER A 442 -31.35 -20.19 9.87
C SER A 442 -31.52 -19.79 8.41
N GLY A 443 -30.53 -19.10 7.84
CA GLY A 443 -30.67 -18.62 6.47
C GLY A 443 -30.35 -19.65 5.40
N PHE A 444 -29.86 -20.83 5.78
CA PHE A 444 -29.44 -21.82 4.79
C PHE A 444 -30.59 -22.23 3.87
N ALA A 445 -31.75 -22.54 4.45
CA ALA A 445 -32.89 -22.99 3.66
C ALA A 445 -33.32 -21.93 2.66
N SER A 446 -33.30 -20.66 3.07
CA SER A 446 -33.66 -19.57 2.16
C SER A 446 -32.72 -19.53 0.96
N ALA A 447 -31.41 -19.65 1.20
CA ALA A 447 -30.46 -19.64 0.10
C ALA A 447 -30.64 -20.86 -0.80
N LEU A 448 -30.91 -22.02 -0.20
CA LEU A 448 -31.17 -23.22 -0.99
C LEU A 448 -32.39 -23.02 -1.89
N MET A 449 -33.44 -22.39 -1.36
CA MET A 449 -34.61 -22.10 -2.19
C MET A 449 -34.26 -21.13 -3.31
N ALA A 450 -33.42 -20.13 -3.02
CA ALA A 450 -32.98 -19.22 -4.08
C ALA A 450 -32.22 -19.95 -5.17
N ALA A 451 -31.45 -20.98 -4.80
CA ALA A 451 -30.58 -21.65 -5.76
C ALA A 451 -31.23 -22.86 -6.44
N LYS A 452 -32.35 -23.36 -5.92
CA LYS A 452 -32.86 -24.65 -6.36
C LYS A 452 -33.26 -24.66 -7.83
N ALA A 453 -33.72 -23.53 -8.36
CA ALA A 453 -34.21 -23.47 -9.73
C ALA A 453 -33.29 -22.66 -10.66
N ALA A 454 -32.10 -22.30 -10.19
CA ALA A 454 -31.28 -21.33 -10.88
C ALA A 454 -30.43 -21.97 -11.98
N ASP A 455 -29.95 -21.13 -12.90
CA ASP A 455 -29.00 -21.56 -13.91
C ASP A 455 -27.58 -21.58 -13.38
N ALA A 456 -27.27 -20.71 -12.42
CA ALA A 456 -25.94 -20.63 -11.82
C ALA A 456 -26.07 -20.05 -10.43
N ILE A 457 -25.07 -20.34 -9.59
CA ILE A 457 -25.03 -19.87 -8.21
C ILE A 457 -23.76 -19.05 -8.03
N VAL A 458 -23.92 -17.86 -7.43
CA VAL A 458 -22.79 -17.01 -7.07
C VAL A 458 -22.82 -16.83 -5.56
N PHE A 459 -21.84 -17.42 -4.88
CA PHE A 459 -21.66 -17.21 -3.44
C PHE A 459 -20.56 -16.19 -3.22
N ALA A 460 -20.88 -15.14 -2.48
CA ALA A 460 -19.93 -14.09 -2.14
C ALA A 460 -19.75 -14.05 -0.64
N GLY A 461 -18.53 -14.30 -0.17
CA GLY A 461 -18.24 -14.28 1.24
C GLY A 461 -16.79 -13.95 1.53
N GLY A 462 -16.31 -14.37 2.71
CA GLY A 462 -14.93 -14.14 3.12
C GLY A 462 -14.87 -13.38 4.44
N ILE A 463 -14.00 -12.36 4.47
CA ILE A 463 -13.79 -11.55 5.65
C ILE A 463 -14.04 -10.09 5.30
N ASP A 464 -14.16 -9.27 6.33
CA ASP A 464 -14.27 -7.82 6.17
C ASP A 464 -13.72 -7.10 7.39
N GLU A 465 -14.20 -5.89 7.65
CA GLU A 465 -13.66 -5.10 8.75
C GLU A 465 -13.98 -5.70 10.12
N THR A 466 -15.05 -6.50 10.22
CA THR A 466 -15.35 -7.18 11.48
C THR A 466 -14.39 -8.33 11.77
N ILE A 467 -13.56 -8.71 10.80
CA ILE A 467 -12.61 -9.81 10.96
C ILE A 467 -11.18 -9.29 10.98
N GLU A 468 -10.86 -8.34 10.11
CA GLU A 468 -9.53 -7.74 10.03
C GLU A 468 -9.68 -6.23 10.08
N SER A 469 -8.89 -5.58 10.93
CA SER A 469 -8.96 -4.13 11.06
C SER A 469 -7.77 -3.64 11.88
N GLU A 470 -7.55 -2.33 11.83
CA GLU A 470 -6.59 -1.70 12.72
C GLU A 470 -6.98 -1.96 14.17
N GLY A 471 -6.03 -2.50 14.94
CA GLY A 471 -6.29 -2.86 16.31
C GLY A 471 -6.82 -4.27 16.52
N HIS A 472 -7.00 -5.04 15.46
CA HIS A 472 -7.51 -6.41 15.59
C HIS A 472 -6.85 -7.29 14.53
N ASP A 473 -5.92 -8.13 14.95
CA ASP A 473 -5.34 -9.15 14.08
C ASP A 473 -6.17 -10.42 14.14
N ARG A 474 -6.05 -11.23 13.09
CA ARG A 474 -6.74 -12.51 13.03
C ARG A 474 -5.99 -13.56 13.83
N ASP A 475 -6.75 -14.43 14.50
CA ASP A 475 -6.17 -15.62 15.11
C ASP A 475 -6.17 -16.78 14.13
N SER A 476 -7.21 -16.89 13.31
CA SER A 476 -7.33 -17.92 12.29
C SER A 476 -7.41 -17.27 10.92
N ILE A 477 -6.80 -17.92 9.93
CA ILE A 477 -6.87 -17.44 8.55
C ILE A 477 -7.76 -18.38 7.74
N GLU A 478 -8.70 -19.04 8.41
CA GLU A 478 -9.73 -19.80 7.73
C GLU A 478 -10.92 -18.89 7.41
N TRP A 479 -11.79 -19.39 6.55
CA TRP A 479 -13.09 -18.74 6.37
C TRP A 479 -13.78 -18.62 7.72
N PRO A 480 -14.38 -17.46 8.02
CA PRO A 480 -15.08 -17.32 9.30
C PRO A 480 -16.44 -18.00 9.29
N GLY A 481 -16.92 -18.31 10.49
CA GLY A 481 -18.28 -18.78 10.66
C GLY A 481 -18.53 -20.10 9.96
N ASN A 482 -19.74 -20.23 9.42
CA ASN A 482 -20.18 -21.44 8.73
C ASN A 482 -20.34 -21.21 7.23
N GLN A 483 -19.61 -20.25 6.68
CA GLN A 483 -19.75 -19.92 5.26
C GLN A 483 -19.44 -21.13 4.38
N LEU A 484 -18.35 -21.84 4.69
CA LEU A 484 -17.97 -23.01 3.89
C LEU A 484 -19.03 -24.10 3.95
N ASP A 485 -19.73 -24.22 5.08
CA ASP A 485 -20.82 -25.19 5.18
C ASP A 485 -21.93 -24.87 4.19
N LEU A 486 -22.30 -23.59 4.10
CA LEU A 486 -23.33 -23.18 3.14
C LEU A 486 -22.85 -23.37 1.71
N ILE A 487 -21.58 -23.08 1.43
CA ILE A 487 -21.04 -23.31 0.09
C ILE A 487 -21.10 -24.79 -0.25
N GLU A 488 -20.80 -25.65 0.72
CA GLU A 488 -20.90 -27.09 0.51
C GLU A 488 -22.32 -27.51 0.17
N GLN A 489 -23.29 -27.01 0.94
CA GLN A 489 -24.68 -27.35 0.69
C GLN A 489 -25.12 -26.86 -0.69
N LEU A 490 -24.63 -25.70 -1.12
CA LEU A 490 -24.95 -25.22 -2.46
C LEU A 490 -24.30 -26.09 -3.54
N ALA A 491 -23.05 -26.50 -3.31
CA ALA A 491 -22.36 -27.37 -4.25
C ALA A 491 -23.08 -28.70 -4.41
N ALA A 492 -23.79 -29.14 -3.36
CA ALA A 492 -24.60 -30.35 -3.47
C ALA A 492 -25.59 -30.29 -4.64
N LEU A 493 -26.03 -29.08 -5.02
CA LEU A 493 -27.00 -28.94 -6.10
C LEU A 493 -26.39 -29.25 -7.47
N ARG A 494 -25.06 -29.26 -7.58
CA ARG A 494 -24.36 -29.61 -8.81
C ARG A 494 -24.70 -28.68 -9.96
N LYS A 495 -25.01 -27.43 -9.66
CA LYS A 495 -25.22 -26.40 -10.65
C LYS A 495 -23.92 -25.62 -10.85
N PRO A 496 -23.81 -24.83 -11.94
CA PRO A 496 -22.68 -23.91 -12.06
C PRO A 496 -22.54 -23.04 -10.83
N LEU A 497 -21.40 -23.15 -10.15
CA LEU A 497 -21.21 -22.54 -8.83
C LEU A 497 -19.93 -21.72 -8.84
N ILE A 498 -20.05 -20.42 -8.61
CA ILE A 498 -18.94 -19.49 -8.57
C ILE A 498 -18.86 -18.89 -7.17
N VAL A 499 -17.66 -18.85 -6.61
CA VAL A 499 -17.44 -18.38 -5.25
C VAL A 499 -16.54 -17.16 -5.29
N LEU A 500 -17.02 -16.05 -4.72
CA LEU A 500 -16.23 -14.83 -4.59
C LEU A 500 -15.66 -14.78 -3.18
N GLN A 501 -14.34 -14.90 -3.09
CA GLN A 501 -13.63 -14.81 -1.81
C GLN A 501 -13.15 -13.36 -1.65
N MET A 502 -13.80 -12.61 -0.76
CA MET A 502 -13.53 -11.20 -0.60
C MET A 502 -12.70 -10.97 0.65
N GLY A 503 -12.46 -9.69 0.95
CA GLY A 503 -11.61 -9.30 2.06
C GLY A 503 -10.15 -9.15 1.65
N GLY A 504 -9.41 -8.42 2.48
CA GLY A 504 -8.02 -8.11 2.20
C GLY A 504 -7.10 -9.29 2.37
N GLY A 505 -7.00 -9.79 3.60
CA GLY A 505 -6.24 -10.99 3.85
C GLY A 505 -6.85 -12.20 3.18
N GLN A 506 -6.00 -13.19 2.90
CA GLN A 506 -6.46 -14.41 2.28
C GLN A 506 -7.05 -15.36 3.33
N VAL A 507 -7.98 -16.19 2.90
CA VAL A 507 -8.51 -17.28 3.72
C VAL A 507 -8.22 -18.59 3.02
N ASP A 508 -8.12 -19.66 3.81
CA ASP A 508 -7.79 -20.99 3.29
C ASP A 508 -8.95 -21.48 2.43
N SER A 509 -8.77 -21.44 1.11
CA SER A 509 -9.78 -21.90 0.17
C SER A 509 -9.43 -23.25 -0.46
N SER A 510 -8.56 -24.02 0.18
CA SER A 510 -8.12 -25.30 -0.39
C SER A 510 -9.28 -26.27 -0.52
N SER A 511 -10.22 -26.26 0.43
CA SER A 511 -11.41 -27.09 0.31
C SER A 511 -12.17 -26.78 -0.97
N LEU A 512 -12.30 -25.49 -1.30
CA LEU A 512 -12.92 -25.11 -2.56
C LEU A 512 -12.05 -25.52 -3.75
N LYS A 513 -10.72 -25.45 -3.58
CA LYS A 513 -9.80 -25.81 -4.64
C LYS A 513 -9.97 -27.29 -5.03
N ALA A 514 -10.23 -28.14 -4.06
CA ALA A 514 -10.29 -29.58 -4.30
C ALA A 514 -11.68 -30.08 -4.68
N SER A 515 -12.71 -29.24 -4.60
CA SER A 515 -14.07 -29.65 -4.89
C SER A 515 -14.38 -29.46 -6.37
N LYS A 516 -14.71 -30.55 -7.06
CA LYS A 516 -15.16 -30.44 -8.44
C LYS A 516 -16.44 -29.61 -8.55
N ALA A 517 -17.25 -29.59 -7.48
CA ALA A 517 -18.52 -28.90 -7.53
C ALA A 517 -18.37 -27.38 -7.47
N VAL A 518 -17.22 -26.87 -7.02
CA VAL A 518 -16.94 -25.45 -7.07
C VAL A 518 -16.21 -25.20 -8.40
N ASN A 519 -16.94 -24.65 -9.37
CA ASN A 519 -16.41 -24.51 -10.72
C ASN A 519 -15.47 -23.33 -10.88
N ALA A 520 -15.55 -22.33 -10.00
CA ALA A 520 -14.74 -21.13 -10.18
C ALA A 520 -14.55 -20.43 -8.84
N LEU A 521 -13.44 -19.72 -8.73
CA LEU A 521 -13.06 -19.02 -7.52
C LEU A 521 -12.30 -17.76 -7.90
N LEU A 522 -12.72 -16.62 -7.36
CA LEU A 522 -12.07 -15.33 -7.55
C LEU A 522 -11.84 -14.67 -6.20
N TRP A 523 -10.72 -13.96 -6.07
CA TRP A 523 -10.45 -13.12 -4.91
C TRP A 523 -10.73 -11.67 -5.28
N GLY A 524 -11.65 -11.04 -4.55
CA GLY A 524 -12.09 -9.71 -4.89
C GLY A 524 -11.62 -8.61 -3.95
N GLY A 525 -10.92 -8.99 -2.87
CA GLY A 525 -10.37 -8.02 -1.94
C GLY A 525 -11.40 -7.02 -1.47
N TYR A 526 -10.97 -5.76 -1.38
CA TYR A 526 -11.89 -4.65 -1.23
C TYR A 526 -11.90 -3.86 -2.54
N PRO A 527 -12.90 -4.07 -3.40
CA PRO A 527 -12.81 -3.62 -4.80
C PRO A 527 -13.30 -2.21 -5.07
N GLY A 528 -13.63 -1.42 -4.05
CA GLY A 528 -13.98 -0.04 -4.27
C GLY A 528 -15.42 0.15 -4.72
N GLN A 529 -15.70 1.40 -5.13
CA GLN A 529 -17.07 1.82 -5.39
C GLN A 529 -17.70 1.08 -6.56
N SER A 530 -16.92 0.76 -7.59
CA SER A 530 -17.41 0.03 -8.76
C SER A 530 -17.07 -1.45 -8.70
N GLY A 531 -16.91 -1.99 -7.49
CA GLY A 531 -16.42 -3.36 -7.36
C GLY A 531 -17.34 -4.39 -7.98
N GLY A 532 -18.64 -4.27 -7.70
CA GLY A 532 -19.59 -5.20 -8.28
C GLY A 532 -19.58 -5.17 -9.79
N THR A 533 -19.53 -3.98 -10.38
CA THR A 533 -19.50 -3.87 -11.83
C THR A 533 -18.26 -4.53 -12.41
N ALA A 534 -17.10 -4.35 -11.76
CA ALA A 534 -15.89 -5.00 -12.23
C ALA A 534 -16.01 -6.52 -12.14
N ILE A 535 -16.48 -7.02 -11.00
CA ILE A 535 -16.59 -8.46 -10.81
C ILE A 535 -17.55 -9.07 -11.83
N VAL A 536 -18.66 -8.39 -12.11
CA VAL A 536 -19.62 -8.96 -13.06
C VAL A 536 -19.14 -8.80 -14.49
N ASN A 537 -18.43 -7.71 -14.81
CA ASN A 537 -17.77 -7.61 -16.11
C ASN A 537 -16.81 -8.77 -16.33
N ILE A 538 -16.11 -9.19 -15.27
CA ILE A 538 -15.23 -10.34 -15.36
C ILE A 538 -16.05 -11.62 -15.54
N LEU A 539 -17.10 -11.78 -14.73
CA LEU A 539 -17.89 -13.02 -14.77
C LEU A 539 -18.53 -13.23 -16.13
N THR A 540 -19.02 -12.16 -16.77
CA THR A 540 -19.70 -12.28 -18.04
C THR A 540 -18.77 -12.34 -19.24
N GLY A 541 -17.50 -11.98 -19.06
CA GLY A 541 -16.57 -11.91 -20.17
C GLY A 541 -16.44 -10.54 -20.80
N LYS A 542 -17.20 -9.54 -20.33
CA LYS A 542 -17.04 -8.19 -20.85
C LYS A 542 -15.61 -7.69 -20.66
N THR A 543 -15.00 -8.04 -19.53
CA THR A 543 -13.59 -7.80 -19.30
C THR A 543 -12.93 -9.11 -18.89
N ALA A 544 -11.71 -9.33 -19.36
CA ALA A 544 -11.08 -10.59 -19.00
C ALA A 544 -10.23 -10.42 -17.75
N PRO A 545 -10.21 -11.43 -16.87
CA PRO A 545 -9.38 -11.32 -15.66
C PRO A 545 -7.91 -11.27 -16.02
N SER A 546 -7.14 -10.61 -15.16
CA SER A 546 -5.71 -10.45 -15.38
C SER A 546 -4.98 -10.15 -14.08
N GLY A 547 -5.74 -9.96 -13.01
CA GLY A 547 -5.13 -9.70 -11.71
C GLY A 547 -4.37 -10.89 -11.18
N ARG A 548 -3.42 -10.61 -10.30
CA ARG A 548 -2.58 -11.64 -9.73
C ARG A 548 -2.39 -11.41 -8.24
N LEU A 549 -2.29 -12.50 -7.50
CA LEU A 549 -2.20 -12.47 -6.04
C LEU A 549 -1.00 -11.63 -5.59
N PRO A 550 -1.23 -10.53 -4.87
CA PRO A 550 -0.11 -9.77 -4.31
C PRO A 550 0.42 -10.34 -3.01
N ILE A 551 -0.29 -11.28 -2.39
CA ILE A 551 0.16 -11.96 -1.18
C ILE A 551 -0.04 -13.45 -1.35
N THR A 552 0.51 -14.21 -0.41
CA THR A 552 0.36 -15.66 -0.42
C THR A 552 -0.94 -16.05 0.28
N GLN A 553 -1.62 -17.07 -0.26
CA GLN A 553 -2.71 -17.71 0.46
C GLN A 553 -2.12 -18.88 1.22
N TYR A 554 -1.91 -18.68 2.51
CA TYR A 554 -1.33 -19.71 3.36
C TYR A 554 -2.36 -20.78 3.70
N PRO A 555 -1.92 -21.99 3.99
CA PRO A 555 -2.81 -22.95 4.65
C PRO A 555 -3.05 -22.51 6.09
N ALA A 556 -4.21 -22.90 6.63
CA ALA A 556 -4.62 -22.45 7.96
C ALA A 556 -3.56 -22.75 9.01
N ALA A 557 -3.02 -23.97 8.99
CA ALA A 557 -2.05 -24.40 9.99
C ALA A 557 -0.83 -23.49 10.09
N TYR A 558 -0.64 -22.57 9.13
CA TYR A 558 0.46 -21.61 9.24
C TYR A 558 0.37 -20.83 10.55
N VAL A 559 -0.84 -20.51 11.01
CA VAL A 559 -0.97 -19.75 12.24
C VAL A 559 -0.41 -20.50 13.44
N ASP A 560 -0.25 -21.82 13.32
CA ASP A 560 0.34 -22.62 14.38
C ASP A 560 1.83 -22.88 14.17
N ALA A 561 2.37 -22.56 13.00
CA ALA A 561 3.77 -22.84 12.71
C ALA A 561 4.70 -21.69 13.06
N ILE A 562 4.17 -20.48 13.24
CA ILE A 562 4.97 -19.32 13.61
C ILE A 562 4.09 -18.36 14.40
N PRO A 563 4.60 -17.76 15.47
CA PRO A 563 3.85 -16.68 16.12
C PRO A 563 3.99 -15.39 15.34
N MET A 564 2.98 -14.52 15.47
CA MET A 564 3.01 -13.26 14.77
C MET A 564 4.13 -12.34 15.29
N THR A 565 4.61 -12.58 16.51
CA THR A 565 5.66 -11.76 17.08
C THR A 565 7.04 -12.06 16.50
N ASP A 566 7.21 -13.18 15.81
CA ASP A 566 8.50 -13.55 15.23
C ASP A 566 8.78 -12.65 14.03
N MET A 567 9.69 -11.69 14.20
CA MET A 567 10.00 -10.74 13.14
C MET A 567 10.96 -11.29 12.10
N ALA A 568 11.59 -12.43 12.36
CA ALA A 568 12.49 -13.01 11.37
C ALA A 568 11.70 -13.55 10.19
N LEU A 569 12.38 -13.65 9.05
CA LEU A 569 11.77 -14.16 7.83
C LEU A 569 12.31 -15.50 7.37
N ARG A 570 13.57 -15.81 7.68
CA ARG A 570 14.16 -17.06 7.24
C ARG A 570 13.57 -18.22 8.05
N PRO A 571 13.55 -19.42 7.47
CA PRO A 571 13.17 -20.61 8.25
C PRO A 571 14.13 -20.82 9.39
N SER A 572 13.68 -21.54 10.41
CA SER A 572 14.47 -21.64 11.63
C SER A 572 14.11 -22.92 12.39
N SER A 573 14.55 -22.97 13.65
CA SER A 573 14.19 -24.02 14.59
C SER A 573 12.70 -24.03 14.92
N SER A 574 11.97 -23.00 14.53
CA SER A 574 10.59 -22.86 14.93
C SER A 574 9.73 -22.19 13.87
N SER A 575 10.27 -21.90 12.69
CA SER A 575 9.56 -21.16 11.67
C SER A 575 9.71 -21.84 10.32
N PRO A 576 8.62 -21.95 9.56
CA PRO A 576 8.71 -22.35 8.15
C PRO A 576 9.12 -21.24 7.21
N GLY A 577 9.53 -20.08 7.73
CA GLY A 577 9.83 -18.94 6.91
C GLY A 577 8.59 -18.11 6.61
N ARG A 578 8.83 -16.88 6.13
CA ARG A 578 7.77 -15.95 5.82
C ARG A 578 7.80 -15.56 4.35
N THR A 579 6.61 -15.28 3.81
CA THR A 579 6.40 -14.82 2.44
C THR A 579 6.85 -15.84 1.39
N TYR A 580 6.53 -15.56 0.13
CA TYR A 580 6.93 -16.43 -0.96
C TYR A 580 8.45 -16.59 -1.06
N LYS A 581 9.21 -15.63 -0.52
CA LYS A 581 10.66 -15.70 -0.61
C LYS A 581 11.23 -16.84 0.23
N TRP A 582 10.64 -17.10 1.40
CA TRP A 582 11.25 -18.00 2.38
C TRP A 582 10.35 -19.13 2.86
N TYR A 583 9.03 -19.06 2.64
CA TYR A 583 8.13 -20.07 3.17
C TYR A 583 8.48 -21.46 2.64
N THR A 584 8.66 -22.41 3.56
CA THR A 584 9.02 -23.77 3.19
C THR A 584 7.80 -24.68 3.01
N GLY A 585 6.61 -24.23 3.38
CA GLY A 585 5.42 -25.03 3.23
C GLY A 585 4.82 -24.92 1.85
N THR A 586 3.54 -25.26 1.75
CA THR A 586 2.84 -25.28 0.47
C THR A 586 1.68 -24.30 0.48
N PRO A 587 1.79 -23.15 -0.18
CA PRO A 587 0.64 -22.24 -0.27
C PRO A 587 -0.54 -22.92 -0.92
N VAL A 588 -1.75 -22.52 -0.49
CA VAL A 588 -2.94 -22.91 -1.23
C VAL A 588 -2.93 -22.25 -2.60
N PHE A 589 -2.52 -20.99 -2.66
CA PHE A 589 -2.30 -20.29 -3.91
C PHE A 589 -1.04 -19.44 -3.77
N ASP A 590 -0.16 -19.50 -4.77
CA ASP A 590 1.13 -18.86 -4.69
C ASP A 590 1.02 -17.34 -4.86
N PHE A 591 2.05 -16.65 -4.41
CA PHE A 591 2.20 -15.23 -4.72
C PHE A 591 2.35 -15.04 -6.22
N GLY A 592 1.64 -14.07 -6.76
CA GLY A 592 1.67 -13.79 -8.18
C GLY A 592 0.80 -14.69 -9.04
N PHE A 593 0.09 -15.64 -8.44
CA PHE A 593 -0.74 -16.57 -9.20
C PHE A 593 -1.99 -15.88 -9.72
N GLY A 594 -2.45 -16.31 -10.90
CA GLY A 594 -3.64 -15.76 -11.51
C GLY A 594 -4.00 -16.43 -12.83
N LEU A 595 -5.30 -16.53 -13.12
CA LEU A 595 -5.78 -17.21 -14.31
C LEU A 595 -6.34 -16.20 -15.31
N HIS A 596 -6.42 -16.62 -16.57
CA HIS A 596 -6.94 -15.80 -17.66
C HIS A 596 -8.01 -16.57 -18.43
N TYR A 597 -8.73 -15.84 -19.28
CA TYR A 597 -9.68 -16.42 -20.21
C TYR A 597 -9.02 -16.85 -21.51
N THR A 598 -7.70 -16.92 -21.54
CA THR A 598 -6.98 -17.31 -22.75
C THR A 598 -5.63 -17.90 -22.34
N SER A 599 -4.99 -18.57 -23.29
CA SER A 599 -3.68 -19.14 -23.09
C SER A 599 -2.60 -18.25 -23.71
N PHE A 600 -1.42 -18.28 -23.12
CA PHE A 600 -0.29 -17.50 -23.60
C PHE A 600 0.91 -18.42 -23.82
N LYS A 601 1.58 -18.23 -24.95
CA LYS A 601 2.83 -18.92 -25.27
C LYS A 601 3.95 -17.90 -25.20
N LEU A 602 4.93 -18.15 -24.33
CA LEU A 602 5.98 -17.19 -24.07
C LEU A 602 7.29 -17.70 -24.66
N SER A 603 8.06 -16.78 -25.23
CA SER A 603 9.35 -17.12 -25.82
C SER A 603 10.27 -15.91 -25.69
N TRP A 604 11.51 -16.08 -26.13
CA TRP A 604 12.46 -14.98 -26.10
C TRP A 604 12.32 -14.13 -27.35
N ALA A 605 12.12 -12.81 -27.16
CA ALA A 605 12.07 -11.90 -28.29
C ALA A 605 13.48 -11.48 -28.71
N ALA A 606 14.36 -11.30 -27.73
CA ALA A 606 15.79 -11.13 -27.96
C ALA A 606 16.52 -12.19 -27.17
N SER A 607 17.59 -12.73 -27.75
CA SER A 607 18.37 -13.76 -27.08
C SER A 607 18.93 -13.21 -25.78
N PRO A 608 18.65 -13.83 -24.64
CA PRO A 608 19.08 -13.27 -23.35
C PRO A 608 20.56 -13.48 -23.12
N PRO A 609 21.21 -12.55 -22.41
CA PRO A 609 22.66 -12.66 -22.21
C PRO A 609 23.02 -13.65 -21.11
N SER A 610 24.25 -14.17 -21.22
CA SER A 610 24.67 -15.31 -20.42
C SER A 610 25.68 -14.99 -19.32
N ARG A 611 26.48 -13.94 -19.46
CA ARG A 611 27.54 -13.68 -18.50
C ARG A 611 27.71 -12.18 -18.30
N PHE A 612 28.09 -11.80 -17.08
CA PHE A 612 28.44 -10.43 -16.76
C PHE A 612 29.62 -10.41 -15.79
N ASP A 613 30.47 -9.41 -15.95
CA ASP A 613 31.56 -9.14 -15.01
C ASP A 613 31.11 -8.06 -14.04
N ILE A 614 31.28 -8.31 -12.74
CA ILE A 614 30.69 -7.45 -11.72
C ILE A 614 31.30 -6.05 -11.78
N SER A 615 32.63 -5.98 -11.90
CA SER A 615 33.28 -4.68 -12.02
C SER A 615 32.79 -3.91 -13.23
N SER A 616 32.48 -4.61 -14.32
CA SER A 616 31.96 -3.95 -15.52
C SER A 616 30.59 -3.34 -15.26
N LEU A 617 29.70 -4.09 -14.60
CA LEU A 617 28.38 -3.56 -14.27
C LEU A 617 28.50 -2.34 -13.36
N VAL A 618 29.38 -2.42 -12.35
CA VAL A 618 29.54 -1.32 -11.41
C VAL A 618 30.08 -0.09 -12.14
N ALA A 619 31.03 -0.29 -13.06
CA ALA A 619 31.57 0.82 -13.82
C ALA A 619 30.50 1.46 -14.69
N GLY A 620 29.74 0.64 -15.43
CA GLY A 620 28.68 1.15 -16.27
C GLY A 620 27.54 1.81 -15.51
N ALA A 621 27.41 1.50 -14.21
CA ALA A 621 26.38 2.14 -13.40
C ALA A 621 26.54 3.66 -13.38
N LYS A 622 27.78 4.15 -13.37
CA LYS A 622 28.02 5.59 -13.39
C LYS A 622 27.51 6.24 -14.68
N HIS A 623 27.34 5.47 -15.75
CA HIS A 623 27.05 6.03 -17.05
C HIS A 623 25.62 5.74 -17.52
N ALA A 624 24.81 5.09 -16.70
CA ALA A 624 23.37 5.09 -16.88
C ALA A 624 22.79 6.24 -16.07
N GLY A 625 21.75 6.88 -16.61
CA GLY A 625 21.24 8.11 -16.02
C GLY A 625 20.48 7.95 -14.73
N VAL A 626 21.07 7.28 -13.73
CA VAL A 626 20.41 7.03 -12.47
C VAL A 626 21.24 7.59 -11.32
N ALA A 627 20.56 7.88 -10.22
CA ALA A 627 21.15 8.64 -9.12
C ALA A 627 21.97 7.78 -8.16
N PHE A 628 21.76 6.46 -8.14
CA PHE A 628 22.50 5.60 -7.24
C PHE A 628 22.78 4.27 -7.93
N THR A 629 23.92 3.67 -7.56
CA THR A 629 24.40 2.46 -8.24
C THR A 629 23.36 1.35 -8.22
N ASP A 630 22.63 1.22 -7.12
CA ASP A 630 21.62 0.17 -7.01
C ASP A 630 20.46 0.36 -7.96
N LEU A 631 20.31 1.55 -8.53
CA LEU A 631 19.24 1.83 -9.50
C LEU A 631 19.67 1.59 -10.94
N ALA A 632 20.97 1.39 -11.18
CA ALA A 632 21.45 1.14 -12.53
C ALA A 632 21.09 -0.26 -12.98
N PRO A 633 21.04 -0.51 -14.29
CA PRO A 633 20.53 -1.79 -14.78
C PRO A 633 21.52 -2.93 -14.63
N LEU A 634 20.97 -4.13 -14.46
CA LEU A 634 21.68 -5.38 -14.75
C LEU A 634 21.46 -5.75 -16.21
N PHE A 635 20.20 -5.89 -16.62
CA PHE A 635 19.84 -6.06 -18.01
C PHE A 635 18.36 -5.72 -18.17
N THR A 636 17.87 -5.84 -19.40
CA THR A 636 16.45 -5.78 -19.71
C THR A 636 16.12 -6.97 -20.60
N PHE A 637 15.32 -7.90 -20.09
CA PHE A 637 14.85 -9.01 -20.91
C PHE A 637 13.71 -8.55 -21.80
N HIS A 638 13.63 -9.16 -22.98
CA HIS A 638 12.54 -8.91 -23.92
C HIS A 638 11.85 -10.24 -24.20
N VAL A 639 10.64 -10.38 -23.69
CA VAL A 639 9.86 -11.61 -23.78
C VAL A 639 8.73 -11.40 -24.77
N ALA A 640 8.52 -12.38 -25.64
CA ALA A 640 7.39 -12.40 -26.55
C ALA A 640 6.25 -13.18 -25.93
N VAL A 641 5.07 -12.56 -25.87
CA VAL A 641 3.87 -13.14 -25.27
C VAL A 641 2.85 -13.29 -26.38
N LYS A 642 2.71 -14.50 -26.93
CA LYS A 642 1.73 -14.77 -27.96
C LYS A 642 0.41 -15.19 -27.31
N ASN A 643 -0.68 -14.52 -27.70
CA ASN A 643 -2.01 -14.93 -27.30
C ASN A 643 -2.38 -16.14 -28.15
N SER A 644 -2.12 -17.32 -27.61
CA SER A 644 -2.38 -18.58 -28.31
C SER A 644 -3.82 -19.05 -28.13
N GLY A 645 -4.66 -18.30 -27.46
CA GLY A 645 -6.05 -18.63 -27.26
C GLY A 645 -6.97 -17.87 -28.19
N LYS A 646 -8.22 -17.70 -27.75
CA LYS A 646 -9.26 -17.12 -28.59
C LYS A 646 -9.90 -15.87 -28.00
N VAL A 647 -9.36 -15.35 -26.89
CA VAL A 647 -9.96 -14.23 -26.19
C VAL A 647 -8.89 -13.17 -25.94
N THR A 648 -9.22 -11.91 -26.27
CA THR A 648 -8.31 -10.80 -25.99
C THR A 648 -8.12 -10.65 -24.48
N SER A 649 -6.88 -10.44 -24.07
CA SER A 649 -6.57 -10.38 -22.65
C SER A 649 -5.31 -9.58 -22.42
N ASP A 650 -5.20 -9.03 -21.20
CA ASP A 650 -3.94 -8.52 -20.70
C ASP A 650 -3.11 -9.68 -20.16
N TYR A 651 -1.87 -9.38 -19.81
CA TYR A 651 -0.98 -10.37 -19.21
C TYR A 651 0.04 -9.66 -18.34
N VAL A 652 0.16 -10.07 -17.09
CA VAL A 652 1.16 -9.52 -16.19
C VAL A 652 2.37 -10.46 -16.22
N ALA A 653 3.45 -10.00 -16.83
CA ALA A 653 4.70 -10.76 -16.85
C ALA A 653 5.47 -10.47 -15.57
N LEU A 654 5.68 -11.51 -14.76
CA LEU A 654 6.40 -11.42 -13.50
C LEU A 654 7.71 -12.18 -13.64
N LEU A 655 8.83 -11.49 -13.46
CA LEU A 655 10.16 -12.08 -13.57
C LEU A 655 10.68 -12.39 -12.17
N PHE A 656 10.86 -13.67 -11.87
CA PHE A 656 11.42 -14.14 -10.62
C PHE A 656 12.87 -14.55 -10.81
N ALA A 657 13.67 -14.35 -9.76
CA ALA A 657 15.09 -14.66 -9.76
C ALA A 657 15.43 -15.57 -8.59
N HIS A 658 16.41 -16.45 -8.80
CA HIS A 658 16.95 -17.29 -7.76
C HIS A 658 18.46 -17.43 -7.96
N THR A 659 19.17 -17.56 -6.84
CA THR A 659 20.61 -17.77 -6.88
C THR A 659 21.01 -18.61 -5.68
N THR A 660 22.25 -19.12 -5.74
CA THR A 660 22.86 -19.85 -4.64
C THR A 660 24.12 -19.17 -4.14
N VAL A 661 24.50 -18.04 -4.70
CA VAL A 661 25.75 -17.38 -4.38
C VAL A 661 25.49 -16.30 -3.33
N GLY A 662 26.56 -15.84 -2.69
CA GLY A 662 26.47 -14.83 -1.68
C GLY A 662 25.94 -15.42 -0.39
N PRO A 663 25.40 -14.56 0.48
CA PRO A 663 24.95 -15.02 1.79
C PRO A 663 24.02 -16.22 1.71
N SER A 664 24.20 -17.17 2.63
CA SER A 664 23.40 -18.36 2.73
C SER A 664 22.65 -18.35 4.05
N PRO A 665 21.35 -18.69 4.07
CA PRO A 665 20.57 -19.18 2.93
C PRO A 665 20.14 -18.08 1.97
N ALA A 666 19.82 -18.47 0.76
CA ALA A 666 19.29 -17.58 -0.26
C ALA A 666 17.78 -17.75 -0.36
N PRO A 667 17.06 -16.71 -0.77
CA PRO A 667 15.61 -16.84 -0.93
C PRO A 667 15.30 -17.87 -2.01
N GLN A 668 14.13 -18.51 -1.87
CA GLN A 668 13.68 -19.42 -2.92
C GLN A 668 13.42 -18.66 -4.21
N GLN A 669 12.71 -17.53 -4.11
CA GLN A 669 12.52 -16.62 -5.22
C GLN A 669 12.54 -15.19 -4.71
N GLU A 670 12.78 -14.27 -5.64
CA GLU A 670 12.56 -12.85 -5.42
C GLU A 670 12.02 -12.26 -6.70
N LEU A 671 10.98 -11.42 -6.58
CA LEU A 671 10.47 -10.69 -7.73
C LEU A 671 11.43 -9.56 -8.05
N VAL A 672 12.02 -9.59 -9.24
CA VAL A 672 13.02 -8.60 -9.63
C VAL A 672 12.54 -7.67 -10.72
N ALA A 673 11.42 -7.98 -11.39
CA ALA A 673 10.89 -7.14 -12.45
C ALA A 673 9.48 -7.62 -12.78
N TYR A 674 8.67 -6.70 -13.30
CA TYR A 674 7.35 -7.08 -13.80
C TYR A 674 6.86 -5.99 -14.75
N THR A 675 5.95 -6.39 -15.63
CA THR A 675 5.35 -5.44 -16.55
C THR A 675 3.98 -5.94 -16.98
N ARG A 676 3.07 -5.02 -17.26
CA ARG A 676 1.71 -5.34 -17.64
C ARG A 676 1.54 -5.11 -19.14
N VAL A 677 1.40 -6.20 -19.89
CA VAL A 677 1.18 -6.15 -21.33
C VAL A 677 -0.32 -6.07 -21.57
N LYS A 678 -0.76 -5.09 -22.34
CA LYS A 678 -2.18 -4.75 -22.44
C LYS A 678 -2.74 -5.14 -23.79
N GLY A 679 -3.94 -5.73 -23.77
CA GLY A 679 -4.74 -5.94 -24.96
C GLY A 679 -4.15 -6.79 -26.06
N ILE A 680 -3.65 -7.97 -25.73
CA ILE A 680 -3.12 -8.88 -26.74
C ILE A 680 -4.31 -9.57 -27.41
N THR A 681 -4.51 -9.30 -28.70
CA THR A 681 -5.61 -9.92 -29.41
C THR A 681 -5.24 -11.36 -29.79
N PRO A 682 -6.23 -12.24 -29.96
CA PRO A 682 -5.94 -13.64 -30.30
C PRO A 682 -5.06 -13.78 -31.53
N GLY A 683 -3.90 -14.43 -31.36
CA GLY A 683 -2.96 -14.65 -32.43
C GLY A 683 -1.76 -13.73 -32.41
N ARG A 684 -1.91 -12.52 -31.87
CA ARG A 684 -0.82 -11.57 -31.87
C ARG A 684 0.25 -11.98 -30.86
N THR A 685 1.45 -11.42 -31.05
CA THR A 685 2.56 -11.60 -30.14
C THR A 685 3.03 -10.22 -29.70
N ALA A 686 2.85 -9.92 -28.42
CA ALA A 686 3.34 -8.67 -27.84
C ALA A 686 4.66 -8.95 -27.11
N THR A 687 5.48 -7.91 -27.02
CA THR A 687 6.80 -8.02 -26.40
C THR A 687 6.80 -7.29 -25.07
N ALA A 688 7.18 -8.01 -24.01
CA ALA A 688 7.27 -7.46 -22.67
C ALA A 688 8.73 -7.17 -22.32
N ALA A 689 9.01 -5.96 -21.88
CA ALA A 689 10.33 -5.56 -21.45
C ALA A 689 10.41 -5.67 -19.93
N LEU A 690 11.41 -6.40 -19.44
CA LEU A 690 11.57 -6.68 -18.01
C LEU A 690 12.95 -6.20 -17.58
N SER A 691 13.00 -5.05 -16.92
CA SER A 691 14.25 -4.41 -16.53
C SER A 691 14.58 -4.77 -15.07
N VAL A 692 15.70 -5.44 -14.87
CA VAL A 692 16.21 -5.77 -13.55
C VAL A 692 17.33 -4.80 -13.21
N THR A 693 17.36 -4.33 -11.96
CA THR A 693 18.42 -3.44 -11.50
C THR A 693 19.49 -4.23 -10.78
N LEU A 694 20.65 -3.58 -10.62
CA LEU A 694 21.70 -4.17 -9.78
C LEU A 694 21.24 -4.32 -8.35
N GLY A 695 20.40 -3.41 -7.86
CA GLY A 695 19.90 -3.51 -6.50
C GLY A 695 18.98 -4.69 -6.28
N SER A 696 18.14 -5.00 -7.29
CA SER A 696 17.26 -6.15 -7.17
C SER A 696 18.04 -7.47 -7.17
N ILE A 697 19.15 -7.52 -7.91
CA ILE A 697 19.93 -8.76 -7.99
C ILE A 697 21.01 -8.84 -6.92
N ALA A 698 21.37 -7.72 -6.29
CA ALA A 698 22.38 -7.75 -5.24
C ALA A 698 21.81 -8.37 -3.97
N ARG A 699 22.66 -9.06 -3.23
CA ARG A 699 22.28 -9.74 -2.01
C ARG A 699 22.64 -8.90 -0.79
N VAL A 700 21.83 -9.02 0.26
CA VAL A 700 22.05 -8.32 1.53
C VAL A 700 22.70 -9.29 2.50
N ASP A 701 23.83 -8.90 3.07
CA ASP A 701 24.56 -9.77 4.00
C ASP A 701 24.06 -9.53 5.42
N GLU A 702 24.77 -10.12 6.39
CA GLU A 702 24.37 -10.04 7.79
C GLU A 702 24.48 -8.63 8.37
N SER A 703 25.13 -7.71 7.68
CA SER A 703 25.31 -6.35 8.15
C SER A 703 24.37 -5.37 7.47
N GLY A 704 23.43 -5.85 6.66
CA GLY A 704 22.60 -4.97 5.87
C GLY A 704 23.24 -4.44 4.62
N VAL A 705 24.49 -4.81 4.35
CA VAL A 705 25.21 -4.33 3.17
C VAL A 705 24.73 -5.08 1.94
N ARG A 706 24.51 -4.35 0.85
CA ARG A 706 24.02 -4.93 -0.40
C ARG A 706 25.17 -4.97 -1.41
N SER A 707 25.50 -6.17 -1.88
CA SER A 707 26.67 -6.39 -2.73
C SER A 707 26.31 -7.32 -3.88
N LEU A 708 27.11 -7.24 -4.95
CA LEU A 708 27.00 -8.15 -6.08
C LEU A 708 27.94 -9.32 -5.87
N TYR A 709 27.40 -10.55 -5.92
CA TYR A 709 28.21 -11.74 -5.69
C TYR A 709 28.33 -12.57 -6.96
N PRO A 710 29.52 -13.10 -7.25
CA PRO A 710 29.74 -13.87 -8.49
C PRO A 710 29.28 -15.31 -8.33
N GLY A 711 28.20 -15.66 -9.03
CA GLY A 711 27.71 -17.02 -9.00
C GLY A 711 26.75 -17.27 -10.14
N LYS A 712 26.02 -18.38 -10.02
CA LYS A 712 25.05 -18.77 -11.02
C LYS A 712 23.67 -18.30 -10.60
N TYR A 713 22.96 -17.66 -11.54
CA TYR A 713 21.65 -17.08 -11.29
C TYR A 713 20.67 -17.60 -12.34
N SER A 714 19.41 -17.74 -11.94
CA SER A 714 18.37 -18.13 -12.87
C SER A 714 17.16 -17.21 -12.71
N VAL A 715 16.38 -17.10 -13.79
CA VAL A 715 15.20 -16.27 -13.84
C VAL A 715 14.12 -17.00 -14.61
N TRP A 716 12.87 -16.73 -14.25
CA TRP A 716 11.74 -17.26 -14.99
C TRP A 716 10.61 -16.23 -14.96
N VAL A 717 9.58 -16.45 -15.77
CA VAL A 717 8.73 -15.35 -16.20
C VAL A 717 7.26 -15.55 -15.79
N ASP A 718 6.97 -16.58 -14.99
CA ASP A 718 5.68 -16.66 -14.31
C ASP A 718 5.86 -17.50 -13.06
N THR A 719 4.78 -17.63 -12.27
CA THR A 719 4.81 -18.57 -11.16
C THR A 719 4.96 -20.00 -11.64
N THR A 720 4.58 -20.27 -12.89
CA THR A 720 4.64 -21.60 -13.47
C THR A 720 5.93 -21.86 -14.25
N ARG A 721 6.96 -21.03 -14.04
CA ARG A 721 8.24 -21.16 -14.74
C ARG A 721 8.02 -21.34 -16.25
N GLU A 722 7.52 -20.27 -16.87
CA GLU A 722 6.92 -20.36 -18.19
C GLU A 722 7.95 -20.22 -19.32
N ILE A 723 8.98 -19.40 -19.12
CA ILE A 723 10.28 -19.58 -19.76
C ILE A 723 11.33 -19.41 -18.67
N MET A 724 12.58 -19.74 -19.00
CA MET A 724 13.61 -19.85 -17.98
C MET A 724 14.97 -19.51 -18.59
N HIS A 725 15.83 -18.90 -17.79
CA HIS A 725 17.14 -18.47 -18.27
C HIS A 725 18.16 -18.52 -17.15
N THR A 726 19.39 -18.92 -17.50
CA THR A 726 20.51 -18.97 -16.57
C THR A 726 21.60 -18.02 -17.03
N PHE A 727 22.13 -17.22 -16.11
CA PHE A 727 23.30 -16.41 -16.38
C PHE A 727 24.26 -16.53 -15.20
N GLU A 728 25.43 -15.92 -15.34
CA GLU A 728 26.48 -16.05 -14.33
C GLU A 728 27.17 -14.71 -14.15
N LEU A 729 27.36 -14.31 -12.89
CA LEU A 729 28.16 -13.14 -12.55
C LEU A 729 29.56 -13.59 -12.20
N THR A 730 30.55 -12.82 -12.66
CA THR A 730 31.95 -13.13 -12.40
C THR A 730 32.64 -11.89 -11.84
N GLY A 731 33.76 -12.11 -11.17
CA GLY A 731 34.57 -11.04 -10.64
C GLY A 731 34.54 -11.02 -9.12
N LYS A 732 35.02 -9.91 -8.57
CA LYS A 732 35.04 -9.72 -7.13
C LYS A 732 33.63 -9.44 -6.61
N THR A 733 33.31 -10.01 -5.45
CA THR A 733 32.17 -9.52 -4.69
C THR A 733 32.39 -8.03 -4.42
N THR A 734 31.42 -7.22 -4.82
CA THR A 734 31.60 -5.77 -4.80
C THR A 734 30.40 -5.13 -4.13
N GLN A 735 30.66 -4.21 -3.21
CA GLN A 735 29.58 -3.54 -2.49
C GLN A 735 28.84 -2.58 -3.41
N ILE A 736 27.52 -2.64 -3.36
CA ILE A 736 26.67 -1.73 -4.11
C ILE A 736 26.05 -0.66 -3.21
N LEU A 737 25.72 -1.00 -1.96
CA LEU A 737 25.09 -0.04 -1.06
C LEU A 737 25.44 -0.40 0.38
N GLY A 738 25.89 0.59 1.14
CA GLY A 738 26.20 0.38 2.54
C GLY A 738 24.95 0.34 3.41
N TRP A 739 25.17 0.13 4.70
CA TRP A 739 24.09 0.15 5.67
C TRP A 739 24.58 0.74 6.98
N PRO A 740 23.93 1.80 7.48
CA PRO A 740 24.33 2.36 8.77
C PRO A 740 24.17 1.34 9.89
N GLN A 741 25.28 1.05 10.56
CA GLN A 741 25.23 0.08 11.65
C GLN A 741 24.48 0.66 12.84
N PRO A 742 23.72 -0.16 13.56
CA PRO A 742 22.90 0.37 14.65
C PRO A 742 23.74 1.02 15.74
N ARG A 743 23.24 2.13 16.27
CA ARG A 743 23.88 2.81 17.39
C ARG A 743 23.84 1.93 18.63
#